data_6AF0
#
_entry.id   6AF0
#
_cell.length_a   99.867
_cell.length_b   237.789
_cell.length_c   62.737
_cell.angle_alpha   90.00
_cell.angle_beta   90.00
_cell.angle_gamma   90.00
#
_symmetry.space_group_name_H-M   'P 21 21 2'
#
loop_
_entity.id
_entity.type
_entity.pdbx_description
1 polymer 'Ctr9 protein'
2 polymer 'Paf1 protein'
3 polymer 'Cdc73 protein'
#
loop_
_entity_poly.entity_id
_entity_poly.type
_entity_poly.pdbx_seq_one_letter_code
_entity_poly.pdbx_strand_id
1 'polypeptide(L)'
;GSKRFSDIPQTIDIPMQDDVEVEIDLQVLPDDPTELCSVFENEQSPRIYWMTVALAYAKQNKIDFAIEMLLRGANVLQGN
QREKLGIITCICWLYLWKSREAPRVAPDGVPASEAKTKEYYLQLATQSLNDASRINPAFPPLFLARGVLILLKASLQPSS
KAPGAVDSNKAEQLRNALKSFEEAIRVSQGRNMLAVMGKARALFSLGRYPESLAAYQDVVAKMPDMVDPDPRIGIGCCFW
QLGFKDDAKIAWERCLEINPDSKHANILLGLYYLDASGHVPTNSPEFIRLYKKAMTEYTQKSFKLDKNLPLTCATFAGYF
LSRKQFGNVDALAHKAIQYTDVNAIASDGWYLLARKEHYDGNLERASDYYRRADDARGGAERGYLPAKFGAAQLSVLKND
LGEAKLRLEKMIQHSKNYEAMILLGTLYAEEVFANQSAAVKEDKSAEAKKAISLLEGVRSAWKDPKRNLSPDAAVLLNLA
RLYESESPDKALQCLQQVEQLEIDQIPQSEYPPDAEDEAAARAAIRKLLPPQLLNNIGCFYSQEGKHRLATEFFQAALDS
CARISQTENDLDIDALLTTIPFNLGRSYEYEGDIDKAIETYEQLLSRHSDYTDARTRLAYIKLRRNPNKEGPDAVAKLYQ
ENPSDLEVRGLYGWFLSKVNSKKRPANIAEDPEQRHYKHTLQSYDKHDRYALVGMGNLHLMAAREMRRETEQDRQKRSAA
YNRAVEFFDKALQLDPKNAYAAQGIAIALVEDRKDYKNALQIFIKVRETIQDAHVYVNMGHIYAELRQFSKAIESYEIAL
SKEGKANDAGIISCLGRTWLNKGRAERNLDAYKMALDQAKKAVAVAPDQLHFKFNVAFVQIQIALVLHSMRESERNSFQL
EEAAEGLEEAIKILDEIAASPSPPYPRHDIEQRANMARNTQRKQLERALASQREYEAKN
;
A
2 'polypeptide(L)'
;SMSSSQSRSGGERMIHQDYIARIRYSNALPPPPIPPKLLDIPNTGLASGQYTAPGFASRLAREQPLNIEADAELGMPLDL
VGMPGVFDGDESSIQAPAQPPPVHPHDRPLLRPLSTLGKPK
;
P
3 'polypeptide(L)' SAASGRAGRGTLDPRLAQIYSGERRMGDRNTALRGIKPTDFSHVRKLAAPFVTRKPGAAPSAGVGASATLALNQ C
#
# COMPACT_ATOMS: atom_id res chain seq x y z
N SER A 2 -3.23 -64.23 7.71
CA SER A 2 -2.22 -64.04 8.79
C SER A 2 -1.16 -63.04 8.31
N LYS A 3 -0.02 -63.01 9.00
CA LYS A 3 1.16 -62.29 8.56
C LYS A 3 1.50 -62.59 7.09
N ARG A 4 2.08 -61.60 6.43
CA ARG A 4 2.41 -61.75 5.04
C ARG A 4 3.71 -62.52 4.97
N PHE A 5 3.80 -63.40 3.96
CA PHE A 5 4.98 -64.25 3.69
C PHE A 5 5.16 -65.45 4.64
N SER A 6 4.33 -65.57 5.67
CA SER A 6 4.39 -66.73 6.59
C SER A 6 4.12 -68.00 5.80
N ASP A 7 3.46 -67.80 4.66
CA ASP A 7 3.13 -68.82 3.67
C ASP A 7 4.33 -69.61 3.18
N ILE A 8 5.46 -68.95 3.02
CA ILE A 8 6.60 -69.54 2.35
C ILE A 8 7.34 -70.51 3.24
N PRO A 9 7.70 -71.70 2.70
CA PRO A 9 8.52 -72.69 3.41
C PRO A 9 10.00 -72.46 3.25
N GLN A 10 10.83 -73.17 4.01
CA GLN A 10 12.28 -72.94 4.00
C GLN A 10 12.96 -73.55 2.79
N THR A 11 12.63 -74.81 2.53
CA THR A 11 13.20 -75.56 1.42
C THR A 11 12.07 -76.23 0.66
N ILE A 12 12.28 -76.49 -0.62
CA ILE A 12 11.34 -77.33 -1.40
C ILE A 12 12.10 -78.17 -2.42
N ASP A 13 11.54 -79.33 -2.77
CA ASP A 13 12.12 -80.24 -3.76
C ASP A 13 11.45 -80.07 -5.13
N ILE A 14 12.25 -79.87 -6.17
CA ILE A 14 11.74 -79.75 -7.53
C ILE A 14 11.61 -81.16 -8.16
N PRO A 15 10.38 -81.51 -8.56
CA PRO A 15 10.13 -82.82 -9.11
C PRO A 15 10.71 -82.89 -10.53
N MET A 16 11.91 -83.45 -10.62
CA MET A 16 12.55 -83.56 -11.93
C MET A 16 11.94 -84.68 -12.78
N GLN A 17 12.27 -84.66 -14.07
CA GLN A 17 11.87 -85.71 -15.02
C GLN A 17 12.50 -87.00 -14.56
N ASP A 18 13.78 -86.86 -14.23
CA ASP A 18 14.48 -87.80 -13.41
C ASP A 18 14.02 -87.37 -12.02
N ASP A 19 14.65 -87.82 -10.96
CA ASP A 19 13.96 -87.64 -9.68
C ASP A 19 14.85 -87.13 -8.56
N VAL A 20 14.18 -86.71 -7.48
CA VAL A 20 14.82 -86.19 -6.26
C VAL A 20 15.50 -84.86 -6.55
N GLU A 21 16.45 -84.91 -7.47
CA GLU A 21 16.83 -83.77 -8.28
C GLU A 21 17.22 -82.50 -7.49
N VAL A 22 16.55 -81.39 -7.82
CA VAL A 22 16.91 -80.06 -7.35
C VAL A 22 16.09 -79.78 -6.13
N GLU A 23 16.77 -79.39 -5.07
CA GLU A 23 16.09 -78.84 -3.92
C GLU A 23 16.58 -77.40 -3.83
N ILE A 24 15.74 -76.51 -3.30
CA ILE A 24 16.03 -75.08 -3.26
C ILE A 24 15.81 -74.56 -1.86
N ASP A 25 16.73 -73.70 -1.41
CA ASP A 25 16.61 -72.96 -0.15
C ASP A 25 15.97 -71.60 -0.47
N LEU A 26 14.78 -71.37 0.10
CA LEU A 26 13.94 -70.24 -0.25
C LEU A 26 14.17 -69.06 0.67
N GLN A 27 15.09 -69.23 1.61
CA GLN A 27 15.58 -68.09 2.38
C GLN A 27 16.90 -67.55 1.79
N VAL A 28 17.80 -68.47 1.41
CA VAL A 28 19.08 -68.12 0.77
C VAL A 28 19.14 -68.60 -0.68
N LEU A 29 18.53 -67.84 -1.57
CA LEU A 29 18.20 -68.29 -2.92
C LEU A 29 19.38 -68.13 -3.85
N PRO A 30 19.26 -68.64 -5.08
CA PRO A 30 20.29 -68.34 -6.07
C PRO A 30 20.39 -66.85 -6.30
N ASP A 31 21.58 -66.36 -6.56
CA ASP A 31 21.78 -64.93 -6.82
C ASP A 31 21.09 -64.52 -8.12
N ASP A 32 20.96 -65.48 -9.06
CA ASP A 32 20.20 -65.26 -10.30
C ASP A 32 19.29 -66.47 -10.61
N PRO A 33 17.99 -66.19 -10.86
CA PRO A 33 16.98 -67.23 -11.12
C PRO A 33 16.82 -67.70 -12.56
N THR A 34 17.57 -67.10 -13.50
CA THR A 34 17.44 -67.39 -14.93
C THR A 34 17.61 -68.87 -15.23
N GLU A 35 18.62 -69.46 -14.64
CA GLU A 35 18.81 -70.89 -14.76
C GLU A 35 17.60 -71.66 -14.25
N LEU A 36 17.14 -71.29 -13.07
CA LEU A 36 16.04 -71.99 -12.45
C LEU A 36 14.83 -71.91 -13.36
N CYS A 37 14.62 -70.73 -13.94
CA CYS A 37 13.56 -70.52 -14.91
C CYS A 37 13.65 -71.52 -16.06
N SER A 38 14.85 -71.60 -16.63
CA SER A 38 15.14 -72.59 -17.69
C SER A 38 14.81 -74.00 -17.25
N VAL A 39 15.27 -74.37 -16.05
CA VAL A 39 14.94 -75.67 -15.46
C VAL A 39 13.43 -75.91 -15.49
N PHE A 40 12.67 -74.95 -14.98
CA PHE A 40 11.21 -75.04 -14.92
C PHE A 40 10.57 -75.15 -16.29
N GLU A 41 11.04 -74.35 -17.25
CA GLU A 41 10.62 -74.45 -18.65
C GLU A 41 10.84 -75.86 -19.19
N ASN A 42 12.07 -76.33 -19.07
CA ASN A 42 12.49 -77.64 -19.58
C ASN A 42 11.91 -78.79 -18.80
N GLU A 43 11.40 -78.48 -17.63
CA GLU A 43 10.74 -79.48 -16.82
C GLU A 43 9.23 -79.48 -16.98
N GLN A 44 8.72 -78.69 -17.94
CA GLN A 44 7.29 -78.47 -18.07
C GLN A 44 6.71 -78.18 -16.70
N SER A 45 7.51 -77.56 -15.83
CA SER A 45 7.29 -77.61 -14.39
C SER A 45 5.92 -77.08 -14.00
N PRO A 46 5.30 -77.72 -13.01
CA PRO A 46 4.03 -77.26 -12.46
C PRO A 46 4.16 -75.88 -11.87
N ARG A 47 3.03 -75.33 -11.46
CA ARG A 47 2.88 -73.88 -11.26
C ARG A 47 3.05 -73.43 -9.82
N ILE A 48 2.78 -74.31 -8.87
CA ILE A 48 3.09 -74.01 -7.48
C ILE A 48 4.57 -73.62 -7.30
N TYR A 49 5.46 -74.33 -7.95
CA TYR A 49 6.90 -74.10 -7.77
C TYR A 49 7.28 -72.71 -8.28
N TRP A 50 6.83 -72.38 -9.47
CA TRP A 50 7.03 -71.04 -10.02
C TRP A 50 6.61 -69.95 -9.03
N MET A 51 5.39 -70.05 -8.50
CA MET A 51 4.87 -69.08 -7.55
C MET A 51 5.66 -69.10 -6.24
N THR A 52 5.91 -70.28 -5.69
CA THR A 52 6.59 -70.37 -4.40
C THR A 52 7.97 -69.72 -4.41
N VAL A 53 8.71 -69.90 -5.49
CA VAL A 53 10.05 -69.34 -5.64
C VAL A 53 9.94 -67.86 -5.96
N ALA A 54 8.97 -67.47 -6.76
CA ALA A 54 8.83 -66.06 -7.12
C ALA A 54 8.53 -65.23 -5.86
N LEU A 55 7.54 -65.68 -5.10
CA LEU A 55 7.20 -65.02 -3.84
C LEU A 55 8.34 -65.12 -2.86
N ALA A 56 9.09 -66.21 -2.90
CA ALA A 56 10.32 -66.29 -2.14
C ALA A 56 11.26 -65.12 -2.49
N TYR A 57 11.51 -64.90 -3.77
CA TYR A 57 12.28 -63.72 -4.22
C TYR A 57 11.71 -62.37 -3.76
N ALA A 58 10.39 -62.32 -3.62
CA ALA A 58 9.70 -61.13 -3.13
C ALA A 58 9.92 -60.92 -1.62
N LYS A 59 9.99 -62.00 -0.84
CA LYS A 59 10.16 -61.89 0.61
C LYS A 59 11.50 -61.27 1.04
N GLN A 60 12.52 -61.38 0.19
CA GLN A 60 13.84 -60.76 0.42
C GLN A 60 14.04 -59.71 -0.65
N ASN A 61 12.92 -59.14 -1.05
CA ASN A 61 12.92 -57.88 -1.75
C ASN A 61 13.42 -57.93 -3.17
N LYS A 62 13.69 -59.13 -3.69
CA LYS A 62 14.10 -59.26 -5.09
C LYS A 62 12.88 -59.41 -6.01
N ILE A 63 12.24 -58.28 -6.27
CA ILE A 63 10.92 -58.23 -6.91
C ILE A 63 11.00 -58.49 -8.41
N ASP A 64 12.02 -57.95 -9.07
CA ASP A 64 12.22 -58.19 -10.51
C ASP A 64 12.41 -59.65 -10.85
N PHE A 65 13.34 -60.31 -10.16
CA PHE A 65 13.47 -61.75 -10.25
C PHE A 65 12.10 -62.44 -10.26
N ALA A 66 11.29 -62.11 -9.27
CA ALA A 66 9.97 -62.67 -9.16
C ALA A 66 9.10 -62.34 -10.38
N ILE A 67 9.20 -61.12 -10.89
CA ILE A 67 8.48 -60.75 -12.11
C ILE A 67 8.89 -61.62 -13.31
N GLU A 68 10.20 -61.70 -13.53
CA GLU A 68 10.80 -62.47 -14.63
C GLU A 68 10.37 -63.92 -14.59
N MET A 69 10.48 -64.54 -13.42
CA MET A 69 10.00 -65.90 -13.22
C MET A 69 8.54 -66.03 -13.65
N LEU A 70 7.67 -65.19 -13.11
CA LEU A 70 6.25 -65.30 -13.41
C LEU A 70 5.95 -64.96 -14.86
N LEU A 71 6.80 -64.16 -15.51
CA LEU A 71 6.65 -63.85 -16.93
C LEU A 71 6.82 -65.10 -17.77
N ARG A 72 7.88 -65.83 -17.46
CA ARG A 72 8.22 -67.05 -18.15
C ARG A 72 7.20 -68.16 -17.85
N GLY A 73 6.89 -68.34 -16.56
CA GLY A 73 5.84 -69.25 -16.12
C GLY A 73 4.52 -68.99 -16.85
N ALA A 74 4.21 -67.71 -17.06
CA ALA A 74 3.00 -67.30 -17.81
C ALA A 74 3.01 -67.89 -19.21
N ASN A 75 4.06 -67.61 -19.95
CA ASN A 75 4.15 -68.07 -21.34
C ASN A 75 4.31 -69.57 -21.47
N VAL A 76 4.82 -70.22 -20.42
CA VAL A 76 5.03 -71.67 -20.46
C VAL A 76 3.72 -72.42 -20.29
N LEU A 77 2.77 -71.80 -19.61
CA LEU A 77 1.49 -72.41 -19.32
C LEU A 77 0.35 -71.70 -20.07
N GLN A 78 0.57 -71.38 -21.35
CA GLN A 78 -0.43 -70.58 -22.09
C GLN A 78 -1.70 -71.37 -22.42
N GLY A 79 -1.56 -72.69 -22.47
CA GLY A 79 -2.70 -73.57 -22.72
C GLY A 79 -3.76 -73.50 -21.63
N ASN A 80 -3.31 -73.62 -20.38
CA ASN A 80 -4.19 -73.59 -19.23
C ASN A 80 -4.20 -72.21 -18.56
N GLN A 81 -5.38 -71.70 -18.23
CA GLN A 81 -5.61 -70.32 -17.75
C GLN A 81 -6.09 -70.23 -16.29
N ARG A 82 -6.14 -71.35 -15.58
CA ARG A 82 -6.68 -71.37 -14.22
C ARG A 82 -5.69 -70.88 -13.18
N GLU A 83 -4.45 -71.33 -13.29
CA GLU A 83 -3.36 -70.73 -12.51
C GLU A 83 -2.64 -69.68 -13.33
N LYS A 84 -2.79 -69.70 -14.66
CA LYS A 84 -2.31 -68.58 -15.47
C LYS A 84 -2.93 -67.29 -14.89
N LEU A 85 -4.24 -67.34 -14.66
CA LEU A 85 -4.98 -66.26 -13.99
C LEU A 85 -4.26 -65.81 -12.73
N GLY A 86 -3.94 -66.78 -11.88
CA GLY A 86 -3.16 -66.51 -10.67
C GLY A 86 -1.89 -65.71 -10.93
N ILE A 87 -0.92 -66.34 -11.57
CA ILE A 87 0.37 -65.67 -11.83
C ILE A 87 0.22 -64.31 -12.54
N ILE A 88 -0.71 -64.21 -13.49
CA ILE A 88 -0.91 -62.95 -14.20
C ILE A 88 -1.38 -61.86 -13.20
N THR A 89 -2.23 -62.22 -12.24
CA THR A 89 -2.65 -61.29 -11.19
C THR A 89 -1.48 -60.89 -10.27
N CYS A 90 -0.71 -61.87 -9.84
CA CYS A 90 0.51 -61.60 -9.13
C CYS A 90 1.42 -60.69 -9.94
N ILE A 91 1.56 -60.96 -11.24
CA ILE A 91 2.40 -60.11 -12.08
C ILE A 91 1.93 -58.66 -11.91
N CYS A 92 0.64 -58.46 -12.09
CA CYS A 92 0.04 -57.14 -12.04
C CYS A 92 0.40 -56.44 -10.73
N TRP A 93 0.24 -57.15 -9.63
CA TRP A 93 0.47 -56.59 -8.31
C TRP A 93 1.93 -56.24 -8.09
N LEU A 94 2.80 -57.11 -8.58
CA LEU A 94 4.23 -56.84 -8.57
C LEU A 94 4.59 -55.60 -9.41
N TYR A 95 3.84 -55.35 -10.48
CA TYR A 95 4.03 -54.15 -11.29
C TYR A 95 3.57 -52.91 -10.56
N LEU A 96 2.62 -53.10 -9.64
CA LEU A 96 2.24 -52.03 -8.74
C LEU A 96 3.37 -51.78 -7.73
N TRP A 97 3.91 -52.84 -7.13
CA TRP A 97 5.07 -52.66 -6.25
C TRP A 97 6.14 -51.85 -6.98
N LYS A 98 6.71 -52.41 -8.03
CA LYS A 98 7.77 -51.73 -8.79
C LYS A 98 7.37 -50.32 -9.09
N SER A 99 6.10 -50.12 -9.41
CA SER A 99 5.55 -48.77 -9.62
C SER A 99 5.83 -47.87 -8.44
N ARG A 100 5.58 -48.39 -7.23
CA ARG A 100 5.71 -47.58 -6.02
C ARG A 100 7.14 -47.07 -5.81
N GLU A 101 8.13 -47.97 -5.90
CA GLU A 101 9.53 -47.59 -5.78
C GLU A 101 10.14 -46.83 -6.98
N ALA A 102 9.37 -46.65 -8.05
CA ALA A 102 9.86 -45.97 -9.26
C ALA A 102 10.01 -44.43 -9.11
N PRO A 103 10.64 -43.77 -10.10
CA PRO A 103 10.67 -42.30 -10.22
C PRO A 103 9.65 -41.72 -11.18
N ARG A 104 9.24 -40.49 -10.95
CA ARG A 104 8.42 -39.74 -11.90
C ARG A 104 9.13 -39.70 -13.24
N VAL A 105 10.36 -39.19 -13.23
CA VAL A 105 11.20 -39.21 -14.44
C VAL A 105 12.62 -39.65 -14.08
N ALA A 106 13.29 -40.29 -15.06
CA ALA A 106 14.69 -40.74 -14.89
C ALA A 106 15.60 -39.63 -15.41
N PRO A 107 16.94 -39.76 -15.22
CA PRO A 107 17.80 -38.63 -15.63
C PRO A 107 17.65 -38.24 -17.11
N ASP A 108 18.25 -37.12 -17.49
CA ASP A 108 18.06 -36.54 -18.83
C ASP A 108 18.63 -37.45 -19.95
N GLY A 109 19.75 -38.10 -19.64
CA GLY A 109 20.20 -39.27 -20.40
C GLY A 109 19.39 -40.42 -19.83
N VAL A 110 18.16 -40.52 -20.31
CA VAL A 110 17.12 -41.38 -19.69
C VAL A 110 17.39 -42.89 -19.98
N PRO A 111 17.37 -43.31 -21.28
CA PRO A 111 16.78 -42.56 -22.37
C PRO A 111 15.28 -42.77 -22.25
N ALA A 112 14.50 -41.83 -22.80
CA ALA A 112 13.07 -41.71 -22.45
C ALA A 112 12.26 -42.96 -22.77
N SER A 113 12.57 -43.59 -23.89
CA SER A 113 12.05 -44.92 -24.14
C SER A 113 12.87 -45.79 -23.19
N GLU A 114 12.36 -46.96 -22.82
CA GLU A 114 13.04 -47.80 -21.84
C GLU A 114 13.15 -47.00 -20.54
N ALA A 115 12.10 -46.19 -20.31
CA ALA A 115 11.96 -45.38 -19.12
C ALA A 115 11.46 -46.30 -18.04
N LYS A 116 12.13 -46.28 -16.91
CA LYS A 116 11.85 -47.18 -15.78
C LYS A 116 10.79 -46.52 -14.87
N THR A 117 10.14 -45.49 -15.43
CA THR A 117 9.33 -44.57 -14.66
C THR A 117 8.09 -45.22 -14.08
N LYS A 118 7.43 -44.48 -13.20
CA LYS A 118 6.20 -44.93 -12.60
C LYS A 118 5.23 -45.27 -13.67
N GLU A 119 5.08 -44.37 -14.63
CA GLU A 119 4.07 -44.57 -15.68
C GLU A 119 4.37 -45.80 -16.52
N TYR A 120 5.65 -46.18 -16.57
CA TYR A 120 6.03 -47.40 -17.24
C TYR A 120 5.43 -48.63 -16.55
N TYR A 121 5.72 -48.80 -15.26
CA TYR A 121 5.17 -49.90 -14.46
C TYR A 121 3.63 -49.86 -14.40
N LEU A 122 3.07 -48.66 -14.38
CA LEU A 122 1.62 -48.51 -14.35
C LEU A 122 1.01 -49.09 -15.60
N GLN A 123 1.48 -48.63 -16.74
CA GLN A 123 1.01 -49.14 -18.02
C GLN A 123 1.21 -50.66 -18.11
N LEU A 124 2.35 -51.15 -17.66
CA LEU A 124 2.58 -52.61 -17.66
C LEU A 124 1.57 -53.35 -16.77
N ALA A 125 1.28 -52.77 -15.62
CA ALA A 125 0.29 -53.30 -14.71
C ALA A 125 -1.09 -53.33 -15.36
N THR A 126 -1.41 -52.29 -16.12
CA THR A 126 -2.70 -52.24 -16.83
C THR A 126 -2.85 -53.44 -17.80
N GLN A 127 -1.80 -53.71 -18.60
CA GLN A 127 -1.84 -54.81 -19.59
C GLN A 127 -2.02 -56.17 -18.92
N SER A 128 -1.16 -56.47 -17.94
CA SER A 128 -1.26 -57.73 -17.17
C SER A 128 -2.63 -57.90 -16.54
N LEU A 129 -3.05 -56.86 -15.87
CA LEU A 129 -4.41 -56.79 -15.35
C LEU A 129 -5.47 -57.09 -16.40
N ASN A 130 -5.34 -56.50 -17.58
CA ASN A 130 -6.25 -56.80 -18.67
C ASN A 130 -6.19 -58.26 -19.10
N ASP A 131 -4.97 -58.82 -19.17
CA ASP A 131 -4.80 -60.24 -19.49
C ASP A 131 -5.54 -61.11 -18.48
N ALA A 132 -5.34 -60.84 -17.21
CA ALA A 132 -6.00 -61.60 -16.14
C ALA A 132 -7.51 -61.42 -16.15
N SER A 133 -8.01 -60.23 -16.44
CA SER A 133 -9.47 -59.98 -16.44
C SER A 133 -10.18 -60.61 -17.66
N ARG A 134 -9.46 -60.71 -18.77
CA ARG A 134 -9.93 -61.46 -19.94
C ARG A 134 -10.10 -62.94 -19.59
N ILE A 135 -9.28 -63.44 -18.70
CA ILE A 135 -9.42 -64.80 -18.18
C ILE A 135 -10.57 -64.82 -17.20
N ASN A 136 -10.48 -64.04 -16.15
CA ASN A 136 -11.56 -64.01 -15.21
C ASN A 136 -11.78 -62.65 -14.67
N PRO A 137 -12.60 -61.89 -15.35
CA PRO A 137 -12.95 -60.60 -14.82
C PRO A 137 -13.65 -61.01 -13.60
N ALA A 138 -13.88 -60.14 -12.64
CA ALA A 138 -14.56 -60.63 -11.47
C ALA A 138 -13.82 -61.74 -10.75
N PHE A 139 -12.53 -61.56 -10.58
CA PHE A 139 -11.76 -62.28 -9.60
C PHE A 139 -11.41 -61.20 -8.59
N PRO A 140 -11.87 -61.34 -7.34
CA PRO A 140 -11.73 -60.25 -6.35
C PRO A 140 -10.37 -59.53 -6.33
N PRO A 141 -9.25 -60.28 -6.35
CA PRO A 141 -7.98 -59.58 -6.34
C PRO A 141 -7.81 -58.61 -7.49
N LEU A 142 -8.53 -58.85 -8.57
CA LEU A 142 -8.49 -57.97 -9.73
C LEU A 142 -9.35 -56.73 -9.53
N PHE A 143 -10.40 -56.84 -8.72
CA PHE A 143 -11.19 -55.67 -8.35
C PHE A 143 -10.36 -54.76 -7.48
N LEU A 144 -9.65 -55.33 -6.52
CA LEU A 144 -8.69 -54.58 -5.74
C LEU A 144 -7.67 -53.88 -6.64
N ALA A 145 -6.99 -54.69 -7.46
CA ALA A 145 -5.96 -54.23 -8.40
C ALA A 145 -6.41 -53.02 -9.21
N ARG A 146 -7.64 -53.05 -9.70
CA ARG A 146 -8.21 -51.93 -10.45
C ARG A 146 -8.28 -50.68 -9.61
N GLY A 147 -8.83 -50.82 -8.42
CA GLY A 147 -8.89 -49.70 -7.51
C GLY A 147 -7.50 -49.10 -7.36
N VAL A 148 -6.57 -49.94 -6.92
CA VAL A 148 -5.26 -49.45 -6.55
C VAL A 148 -4.62 -48.75 -7.73
N LEU A 149 -4.69 -49.40 -8.88
CA LEU A 149 -4.10 -48.87 -10.09
C LEU A 149 -4.66 -47.50 -10.33
N ILE A 150 -5.96 -47.41 -10.30
CA ILE A 150 -6.60 -46.17 -10.64
C ILE A 150 -6.10 -45.08 -9.69
N LEU A 151 -6.02 -45.39 -8.41
CA LEU A 151 -5.47 -44.44 -7.43
C LEU A 151 -4.06 -43.97 -7.80
N LEU A 152 -3.16 -44.92 -7.97
CA LEU A 152 -1.80 -44.61 -8.36
C LEU A 152 -1.68 -43.79 -9.65
N LYS A 153 -2.57 -44.02 -10.60
CA LYS A 153 -2.58 -43.25 -11.84
C LYS A 153 -3.20 -41.89 -11.56
N ALA A 154 -4.23 -41.85 -10.73
CA ALA A 154 -4.95 -40.61 -10.48
C ALA A 154 -4.11 -39.58 -9.78
N SER A 155 -3.24 -40.04 -8.87
CA SER A 155 -2.34 -39.13 -8.14
C SER A 155 -1.31 -38.43 -9.05
N LEU A 156 -0.95 -39.10 -10.15
CA LEU A 156 -0.04 -38.53 -11.15
C LEU A 156 -0.65 -37.46 -12.07
N GLN A 157 -1.97 -37.28 -12.03
CA GLN A 157 -2.60 -36.25 -12.83
C GLN A 157 -2.11 -34.92 -12.31
N PRO A 158 -1.58 -34.04 -13.19
CA PRO A 158 -1.03 -32.83 -12.62
C PRO A 158 -2.15 -32.00 -12.07
N SER A 159 -1.82 -31.01 -11.24
CA SER A 159 -2.87 -30.17 -10.69
C SER A 159 -3.53 -29.46 -11.83
N SER A 160 -4.86 -29.46 -11.81
CA SER A 160 -5.56 -28.67 -12.79
C SER A 160 -5.54 -27.23 -12.31
N LYS A 161 -5.76 -26.33 -13.26
CA LYS A 161 -5.98 -24.91 -13.01
C LYS A 161 -7.36 -24.68 -12.35
N ALA A 162 -7.78 -23.41 -12.24
CA ALA A 162 -9.14 -23.06 -11.78
C ALA A 162 -9.46 -23.63 -10.39
N ASP A 167 -8.86 -31.87 -13.48
CA ASP A 167 -9.45 -32.27 -12.21
C ASP A 167 -10.61 -33.22 -12.46
N SER A 168 -11.58 -32.77 -13.25
CA SER A 168 -12.71 -33.62 -13.64
C SER A 168 -12.22 -35.01 -14.09
N ASN A 169 -11.08 -35.03 -14.77
CA ASN A 169 -10.40 -36.29 -15.14
C ASN A 169 -10.01 -37.10 -13.93
N LYS A 170 -9.37 -36.44 -12.97
CA LYS A 170 -8.99 -37.07 -11.71
C LYS A 170 -10.23 -37.48 -10.89
N ALA A 171 -11.17 -36.56 -10.73
CA ALA A 171 -12.39 -36.83 -9.98
C ALA A 171 -13.12 -38.08 -10.48
N GLU A 172 -13.34 -38.17 -11.79
CA GLU A 172 -13.98 -39.35 -12.37
C GLU A 172 -13.17 -40.62 -12.15
N GLN A 173 -11.86 -40.49 -12.28
CA GLN A 173 -10.96 -41.60 -12.04
C GLN A 173 -11.08 -42.09 -10.59
N LEU A 174 -11.19 -41.14 -9.67
CA LEU A 174 -11.38 -41.49 -8.26
C LEU A 174 -12.69 -42.24 -8.07
N ARG A 175 -13.74 -41.78 -8.74
CA ARG A 175 -15.04 -42.46 -8.71
C ARG A 175 -14.91 -43.89 -9.21
N ASN A 176 -14.15 -44.09 -10.29
CA ASN A 176 -13.96 -45.43 -10.84
C ASN A 176 -13.26 -46.32 -9.83
N ALA A 177 -12.20 -45.80 -9.23
CA ALA A 177 -11.49 -46.52 -8.16
C ALA A 177 -12.43 -46.91 -7.03
N LEU A 178 -13.25 -45.94 -6.63
CA LEU A 178 -14.19 -46.15 -5.56
C LEU A 178 -15.16 -47.31 -5.89
N LYS A 179 -15.70 -47.29 -7.10
CA LYS A 179 -16.64 -48.32 -7.55
C LYS A 179 -16.00 -49.73 -7.66
N SER A 180 -14.73 -49.77 -8.02
CA SER A 180 -14.00 -51.02 -8.08
C SER A 180 -13.73 -51.52 -6.69
N PHE A 181 -13.39 -50.60 -5.79
CA PHE A 181 -13.18 -50.97 -4.39
C PHE A 181 -14.48 -51.44 -3.77
N GLU A 182 -15.57 -50.74 -4.10
CA GLU A 182 -16.91 -51.11 -3.61
C GLU A 182 -17.39 -52.46 -4.16
N GLU A 183 -17.00 -52.76 -5.39
CA GLU A 183 -17.26 -54.07 -5.97
C GLU A 183 -16.51 -55.17 -5.20
N ALA A 184 -15.22 -54.95 -4.91
CA ALA A 184 -14.41 -55.88 -4.08
C ALA A 184 -14.99 -56.13 -2.69
N ILE A 185 -15.59 -55.07 -2.15
CA ILE A 185 -16.37 -55.14 -0.91
C ILE A 185 -17.60 -56.02 -1.10
N ARG A 186 -18.39 -55.71 -2.14
CA ARG A 186 -19.63 -56.43 -2.42
C ARG A 186 -19.39 -57.93 -2.55
N VAL A 187 -18.42 -58.29 -3.38
CA VAL A 187 -18.04 -59.68 -3.58
C VAL A 187 -17.64 -60.35 -2.29
N SER A 188 -16.92 -59.64 -1.44
CA SER A 188 -16.51 -60.20 -0.14
C SER A 188 -17.68 -60.23 0.84
N GLN A 189 -18.74 -59.50 0.53
CA GLN A 189 -19.82 -59.27 1.51
C GLN A 189 -19.23 -58.50 2.68
N GLY A 190 -18.40 -57.52 2.33
CA GLY A 190 -17.87 -56.51 3.26
C GLY A 190 -16.94 -57.04 4.32
N ARG A 191 -16.07 -57.98 3.97
CA ARG A 191 -15.11 -58.52 4.94
C ARG A 191 -13.67 -58.39 4.43
N ASN A 192 -13.50 -57.78 3.27
CA ASN A 192 -12.18 -57.47 2.77
C ASN A 192 -11.73 -56.08 3.24
N MET A 193 -10.78 -56.07 4.16
CA MET A 193 -10.33 -54.83 4.81
C MET A 193 -9.38 -53.97 3.94
N LEU A 194 -8.67 -54.59 3.02
CA LEU A 194 -7.87 -53.80 2.08
C LEU A 194 -8.76 -53.08 1.09
N ALA A 195 -9.91 -53.67 0.77
CA ALA A 195 -10.85 -53.06 -0.17
C ALA A 195 -11.52 -51.83 0.43
N VAL A 196 -11.83 -51.93 1.71
CA VAL A 196 -12.51 -50.84 2.40
C VAL A 196 -11.50 -49.73 2.66
N MET A 197 -10.26 -50.13 2.93
CA MET A 197 -9.15 -49.14 3.06
C MET A 197 -8.90 -48.36 1.77
N GLY A 198 -9.07 -49.04 0.64
CA GLY A 198 -8.98 -48.45 -0.68
C GLY A 198 -10.10 -47.47 -0.94
N LYS A 199 -11.32 -47.89 -0.56
CA LYS A 199 -12.52 -47.03 -0.60
C LYS A 199 -12.33 -45.80 0.27
N ALA A 200 -11.88 -46.00 1.51
CA ALA A 200 -11.56 -44.85 2.40
C ALA A 200 -10.59 -43.87 1.72
N ARG A 201 -9.53 -44.41 1.11
CA ARG A 201 -8.58 -43.57 0.45
C ARG A 201 -9.27 -42.73 -0.62
N ALA A 202 -10.10 -43.38 -1.42
CA ALA A 202 -10.77 -42.69 -2.52
C ALA A 202 -11.67 -41.55 -1.97
N LEU A 203 -12.42 -41.87 -0.93
CA LEU A 203 -13.26 -40.89 -0.29
C LEU A 203 -12.42 -39.69 0.14
N PHE A 204 -11.29 -39.95 0.77
CA PHE A 204 -10.41 -38.90 1.23
C PHE A 204 -9.96 -38.01 0.07
N SER A 205 -9.71 -38.64 -1.08
CA SER A 205 -9.30 -37.90 -2.27
C SER A 205 -10.45 -37.08 -2.84
N LEU A 206 -11.66 -37.55 -2.60
CA LEU A 206 -12.83 -36.81 -3.00
C LEU A 206 -13.24 -35.76 -1.97
N GLY A 207 -12.47 -35.61 -0.91
CA GLY A 207 -12.82 -34.65 0.14
C GLY A 207 -14.02 -35.05 1.00
N ARG A 208 -14.43 -36.31 0.89
CA ARG A 208 -15.50 -36.83 1.71
C ARG A 208 -14.88 -37.40 2.97
N TYR A 209 -14.48 -36.50 3.87
CA TYR A 209 -13.68 -36.90 5.02
C TYR A 209 -14.44 -37.70 6.08
N PRO A 210 -15.68 -37.32 6.38
CA PRO A 210 -16.41 -38.06 7.42
C PRO A 210 -16.69 -39.50 7.08
N GLU A 211 -16.91 -39.78 5.80
CA GLU A 211 -17.19 -41.13 5.34
C GLU A 211 -15.91 -41.94 5.28
N SER A 212 -14.83 -41.27 4.89
CA SER A 212 -13.47 -41.84 4.92
C SER A 212 -12.99 -42.21 6.33
N LEU A 213 -13.18 -41.29 7.26
CA LEU A 213 -12.95 -41.57 8.68
C LEU A 213 -13.77 -42.75 9.15
N ALA A 214 -15.04 -42.73 8.78
CA ALA A 214 -15.97 -43.78 9.19
C ALA A 214 -15.46 -45.12 8.73
N ALA A 215 -14.87 -45.10 7.53
CA ALA A 215 -14.33 -46.30 6.89
C ALA A 215 -13.04 -46.84 7.58
N TYR A 216 -12.05 -45.99 7.79
CA TYR A 216 -10.86 -46.42 8.50
C TYR A 216 -11.21 -46.92 9.89
N GLN A 217 -12.09 -46.19 10.58
CA GLN A 217 -12.58 -46.61 11.91
C GLN A 217 -13.28 -47.98 11.84
N ASP A 218 -14.02 -48.21 10.77
CA ASP A 218 -14.68 -49.50 10.60
C ASP A 218 -13.65 -50.64 10.50
N VAL A 219 -12.56 -50.38 9.79
CA VAL A 219 -11.49 -51.35 9.70
C VAL A 219 -10.88 -51.67 11.05
N VAL A 220 -10.52 -50.65 11.79
CA VAL A 220 -9.92 -50.80 13.10
C VAL A 220 -10.87 -51.59 13.97
N ALA A 221 -12.15 -51.26 13.90
CA ALA A 221 -13.17 -51.88 14.72
C ALA A 221 -13.32 -53.38 14.41
N LYS A 222 -13.55 -53.67 13.13
CA LYS A 222 -13.70 -55.03 12.66
C LYS A 222 -12.40 -55.86 12.70
N MET A 223 -11.24 -55.22 12.50
CA MET A 223 -9.95 -55.96 12.31
C MET A 223 -8.76 -55.16 12.82
N PRO A 224 -8.67 -54.97 14.13
CA PRO A 224 -7.62 -54.17 14.73
C PRO A 224 -6.22 -54.65 14.35
N ASP A 225 -6.07 -55.97 14.24
CA ASP A 225 -4.76 -56.56 14.05
C ASP A 225 -4.23 -56.36 12.66
N MET A 226 -5.02 -55.79 11.77
CA MET A 226 -4.52 -55.35 10.46
C MET A 226 -3.67 -54.13 10.68
N VAL A 227 -2.37 -54.32 10.53
CA VAL A 227 -1.36 -53.28 10.78
C VAL A 227 -0.36 -53.16 9.63
N ASP A 228 -0.67 -53.76 8.50
CA ASP A 228 0.23 -53.81 7.36
C ASP A 228 -0.64 -53.76 6.11
N PRO A 229 -1.18 -52.57 5.78
CA PRO A 229 -1.01 -51.26 6.39
C PRO A 229 -1.98 -50.95 7.52
N ASP A 230 -1.55 -50.07 8.42
CA ASP A 230 -2.35 -49.64 9.57
C ASP A 230 -3.38 -48.60 9.09
N PRO A 231 -4.68 -48.87 9.28
CA PRO A 231 -5.67 -47.86 8.91
C PRO A 231 -5.66 -46.65 9.86
N ARG A 232 -5.02 -46.80 11.01
CA ARG A 232 -4.98 -45.75 11.99
C ARG A 232 -4.27 -44.52 11.43
N ILE A 233 -3.42 -44.73 10.43
CA ILE A 233 -2.84 -43.65 9.66
C ILE A 233 -3.92 -42.83 8.97
N GLY A 234 -4.78 -43.56 8.28
CA GLY A 234 -5.96 -42.94 7.66
C GLY A 234 -6.78 -42.17 8.66
N ILE A 235 -6.99 -42.77 9.83
CA ILE A 235 -7.74 -42.16 10.90
C ILE A 235 -7.12 -40.81 11.23
N GLY A 236 -5.81 -40.82 11.44
CA GLY A 236 -5.07 -39.59 11.77
C GLY A 236 -5.18 -38.48 10.73
N CYS A 237 -4.98 -38.87 9.47
CA CYS A 237 -5.07 -37.96 8.35
C CYS A 237 -6.47 -37.38 8.25
N CYS A 238 -7.48 -38.22 8.46
CA CYS A 238 -8.87 -37.78 8.39
C CYS A 238 -9.11 -36.79 9.49
N PHE A 239 -8.68 -37.11 10.72
CA PHE A 239 -8.84 -36.20 11.86
C PHE A 239 -8.20 -34.85 11.57
N TRP A 240 -7.00 -34.89 11.04
CA TRP A 240 -6.25 -33.69 10.82
C TRP A 240 -6.95 -32.77 9.86
N GLN A 241 -7.37 -33.32 8.73
CA GLN A 241 -8.33 -32.62 7.88
C GLN A 241 -9.50 -32.76 8.76
N LEU A 242 -10.56 -31.99 8.58
CA LEU A 242 -11.62 -32.03 9.61
C LEU A 242 -11.23 -31.19 10.82
N GLY A 243 -9.97 -30.78 10.86
CA GLY A 243 -9.49 -29.89 11.91
C GLY A 243 -9.42 -30.42 13.31
N PHE A 244 -8.90 -31.62 13.51
CA PHE A 244 -8.63 -32.13 14.85
C PHE A 244 -7.23 -32.71 14.96
N LYS A 245 -6.26 -31.82 14.88
CA LYS A 245 -4.84 -32.21 14.79
C LYS A 245 -4.33 -32.91 16.05
N ASP A 246 -4.96 -32.63 17.18
CA ASP A 246 -4.56 -33.28 18.43
C ASP A 246 -5.04 -34.75 18.51
N ASP A 247 -6.20 -35.01 17.96
CA ASP A 247 -6.68 -36.38 17.82
C ASP A 247 -5.89 -37.15 16.75
N ALA A 248 -5.51 -36.47 15.69
CA ALA A 248 -4.54 -37.04 14.73
C ALA A 248 -3.26 -37.49 15.43
N LYS A 249 -2.81 -36.67 16.37
CA LYS A 249 -1.63 -36.96 17.19
C LYS A 249 -1.82 -38.27 17.95
N ILE A 250 -2.97 -38.38 18.60
CA ILE A 250 -3.32 -39.59 19.32
C ILE A 250 -3.19 -40.80 18.42
N ALA A 251 -3.85 -40.75 17.28
CA ALA A 251 -3.85 -41.85 16.29
C ALA A 251 -2.45 -42.28 15.86
N TRP A 252 -1.66 -41.32 15.42
CA TRP A 252 -0.32 -41.62 15.00
C TRP A 252 0.60 -42.06 16.13
N GLU A 253 0.32 -41.66 17.34
CA GLU A 253 1.10 -42.19 18.45
C GLU A 253 0.71 -43.66 18.67
N ARG A 254 -0.56 -43.97 18.49
CA ARG A 254 -1.04 -45.32 18.60
C ARG A 254 -0.41 -46.15 17.50
N CYS A 255 -0.33 -45.57 16.29
CA CYS A 255 0.38 -46.20 15.19
C CYS A 255 1.80 -46.56 15.59
N LEU A 256 2.47 -45.67 16.29
CA LEU A 256 3.85 -45.89 16.63
C LEU A 256 3.98 -46.88 17.77
N GLU A 257 3.00 -46.86 18.66
CA GLU A 257 3.00 -47.80 19.77
C GLU A 257 3.00 -49.20 19.21
N ILE A 258 2.15 -49.42 18.23
CA ILE A 258 2.04 -50.71 17.59
C ILE A 258 3.32 -51.01 16.87
N ASN A 259 3.79 -50.05 16.08
CA ASN A 259 4.99 -50.20 15.26
C ASN A 259 5.86 -48.95 15.25
N PRO A 260 6.89 -48.93 16.13
CA PRO A 260 7.72 -47.72 16.25
C PRO A 260 8.55 -47.50 15.01
N ASP A 261 8.82 -48.54 14.25
CA ASP A 261 9.47 -48.41 12.96
C ASP A 261 8.51 -48.20 11.77
N SER A 262 7.33 -47.63 12.01
CA SER A 262 6.46 -47.21 10.93
C SER A 262 6.98 -45.89 10.37
N LYS A 263 7.59 -45.98 9.20
CA LYS A 263 8.21 -44.81 8.56
C LYS A 263 7.26 -43.65 8.19
N HIS A 264 5.96 -43.91 8.04
CA HIS A 264 5.00 -42.84 7.75
C HIS A 264 4.42 -42.20 9.04
N ALA A 265 4.11 -43.01 10.05
CA ALA A 265 3.61 -42.45 11.32
C ALA A 265 4.60 -41.48 11.95
N ASN A 266 5.87 -41.80 11.86
CA ASN A 266 6.89 -40.91 12.38
C ASN A 266 6.83 -39.51 11.72
N ILE A 267 6.81 -39.47 10.40
CA ILE A 267 6.75 -38.21 9.67
C ILE A 267 5.54 -37.41 10.10
N LEU A 268 4.39 -38.08 10.06
CA LEU A 268 3.14 -37.44 10.31
C LEU A 268 3.12 -36.80 11.71
N LEU A 269 3.72 -37.48 12.68
CA LEU A 269 3.84 -36.97 14.04
C LEU A 269 4.77 -35.78 14.10
N GLY A 270 5.94 -35.89 13.46
CA GLY A 270 6.80 -34.71 13.24
C GLY A 270 6.07 -33.53 12.58
N LEU A 271 5.12 -33.82 11.71
CA LEU A 271 4.39 -32.73 11.07
C LEU A 271 3.40 -32.12 12.03
N TYR A 272 2.93 -32.93 12.95
CA TYR A 272 2.00 -32.46 13.98
C TYR A 272 2.74 -31.45 14.86
N TYR A 273 3.92 -31.86 15.30
CA TYR A 273 4.73 -31.02 16.17
C TYR A 273 5.20 -29.80 15.43
N LEU A 274 5.50 -29.92 14.14
CA LEU A 274 5.89 -28.77 13.32
C LEU A 274 4.77 -27.73 13.30
N ASP A 275 3.57 -28.15 12.92
CA ASP A 275 2.41 -27.29 12.94
C ASP A 275 2.26 -26.59 14.33
N ALA A 276 2.35 -27.40 15.40
CA ALA A 276 2.31 -26.91 16.80
C ALA A 276 3.38 -25.86 17.10
N SER A 277 4.58 -26.05 16.55
CA SER A 277 5.68 -25.10 16.73
C SER A 277 5.39 -23.83 16.02
N GLY A 278 4.59 -23.91 14.96
CA GLY A 278 4.08 -22.70 14.34
C GLY A 278 3.20 -21.84 15.26
N HIS A 279 2.31 -22.47 16.00
CA HIS A 279 1.34 -21.72 16.84
C HIS A 279 1.97 -21.05 18.06
N VAL A 280 3.16 -21.51 18.44
CA VAL A 280 3.95 -20.92 19.51
C VAL A 280 4.96 -19.95 18.85
N PRO A 281 5.54 -19.00 19.60
CA PRO A 281 6.21 -17.94 18.85
C PRO A 281 7.70 -18.11 18.57
N THR A 282 8.05 -17.86 17.29
CA THR A 282 9.40 -17.53 16.83
C THR A 282 10.48 -18.51 17.28
N ASN A 283 11.42 -18.07 18.11
CA ASN A 283 12.25 -19.02 18.89
C ASN A 283 12.09 -18.74 20.38
N SER A 284 11.79 -19.80 21.11
CA SER A 284 11.36 -19.75 22.49
C SER A 284 11.84 -21.07 23.10
N PRO A 285 11.66 -21.27 24.41
CA PRO A 285 11.95 -22.61 24.92
C PRO A 285 10.91 -23.63 24.43
N GLU A 286 9.63 -23.25 24.45
CA GLU A 286 8.57 -24.14 24.04
C GLU A 286 8.69 -24.42 22.53
N PHE A 287 8.91 -23.36 21.75
CA PHE A 287 9.13 -23.50 20.32
C PHE A 287 10.29 -24.42 20.01
N ILE A 288 11.43 -24.22 20.66
CA ILE A 288 12.60 -25.02 20.33
C ILE A 288 12.35 -26.49 20.66
N ARG A 289 11.80 -26.78 21.83
CA ARG A 289 11.55 -28.18 22.18
C ARG A 289 10.68 -28.84 21.12
N LEU A 290 9.53 -28.23 20.83
CA LEU A 290 8.62 -28.70 19.77
C LEU A 290 9.26 -28.90 18.37
N TYR A 291 10.17 -28.01 18.00
CA TYR A 291 10.73 -28.04 16.66
C TYR A 291 11.84 -29.06 16.54
N LYS A 292 12.64 -29.16 17.58
CA LYS A 292 13.75 -30.14 17.61
C LYS A 292 13.12 -31.53 17.74
N LYS A 293 12.09 -31.58 18.58
CA LYS A 293 11.33 -32.81 18.76
C LYS A 293 10.83 -33.33 17.45
N ALA A 294 10.11 -32.46 16.75
CA ALA A 294 9.48 -32.82 15.48
C ALA A 294 10.45 -33.24 14.43
N MET A 295 11.42 -32.37 14.19
CA MET A 295 12.44 -32.61 13.16
C MET A 295 13.46 -33.68 13.47
N THR A 296 14.09 -33.60 14.65
CA THR A 296 15.19 -34.52 14.97
C THR A 296 14.71 -35.92 15.29
N GLU A 297 13.76 -35.99 16.21
CA GLU A 297 13.23 -37.25 16.65
C GLU A 297 12.52 -37.90 15.51
N TYR A 298 11.43 -37.29 15.09
CA TYR A 298 10.45 -38.00 14.29
C TYR A 298 10.80 -38.06 12.83
N THR A 299 11.53 -37.07 12.35
CA THR A 299 11.78 -37.02 10.94
C THR A 299 13.07 -37.72 10.66
N GLN A 300 14.05 -37.54 11.54
CA GLN A 300 15.28 -38.28 11.41
C GLN A 300 14.97 -39.77 11.54
N LYS A 301 14.15 -40.14 12.53
CA LYS A 301 13.87 -41.53 12.81
C LYS A 301 13.30 -42.12 11.57
N SER A 302 12.32 -41.42 11.01
CA SER A 302 11.66 -41.90 9.81
C SER A 302 12.58 -41.95 8.58
N PHE A 303 13.58 -41.09 8.56
CA PHE A 303 14.57 -41.01 7.47
C PHE A 303 15.59 -42.14 7.48
N LYS A 304 16.02 -42.55 8.68
CA LYS A 304 16.80 -43.77 8.85
C LYS A 304 16.12 -45.03 8.28
N LEU A 305 14.80 -45.10 8.39
CA LEU A 305 14.03 -46.25 7.90
C LEU A 305 13.92 -46.25 6.39
N ASP A 306 13.71 -45.07 5.80
CA ASP A 306 13.71 -44.91 4.33
C ASP A 306 14.30 -43.58 3.92
N LYS A 307 15.46 -43.63 3.29
CA LYS A 307 16.15 -42.45 2.76
C LYS A 307 15.49 -41.90 1.49
N ASN A 308 14.65 -42.71 0.86
CA ASN A 308 13.98 -42.38 -0.39
C ASN A 308 12.53 -41.96 -0.26
N LEU A 309 12.10 -41.71 0.98
CA LEU A 309 10.68 -41.45 1.29
C LEU A 309 10.43 -39.96 1.13
N PRO A 310 9.67 -39.58 0.09
CA PRO A 310 9.53 -38.20 -0.36
C PRO A 310 9.17 -37.17 0.72
N LEU A 311 8.05 -37.37 1.39
CA LEU A 311 7.61 -36.44 2.43
C LEU A 311 8.71 -36.21 3.45
N THR A 312 9.32 -37.28 3.91
CA THR A 312 10.42 -37.15 4.85
C THR A 312 11.52 -36.29 4.25
N CYS A 313 11.89 -36.64 3.02
CA CYS A 313 12.95 -35.95 2.31
C CYS A 313 12.68 -34.44 2.25
N ALA A 314 11.49 -34.07 1.82
CA ALA A 314 11.13 -32.66 1.77
C ALA A 314 11.20 -31.98 3.14
N THR A 315 10.59 -32.62 4.15
CA THR A 315 10.53 -32.08 5.51
C THR A 315 11.91 -31.86 6.08
N PHE A 316 12.80 -32.82 5.89
CA PHE A 316 14.16 -32.73 6.43
C PHE A 316 15.01 -31.75 5.63
N ALA A 317 14.67 -31.59 4.36
CA ALA A 317 15.28 -30.56 3.55
C ALA A 317 14.92 -29.17 4.09
N GLY A 318 13.67 -28.98 4.49
CA GLY A 318 13.27 -27.74 5.12
C GLY A 318 14.04 -27.52 6.41
N TYR A 319 14.29 -28.59 7.15
CA TYR A 319 15.01 -28.47 8.40
C TYR A 319 16.37 -27.89 8.15
N PHE A 320 17.11 -28.54 7.24
CA PHE A 320 18.44 -28.08 6.89
C PHE A 320 18.43 -26.68 6.29
N LEU A 321 17.44 -26.41 5.45
CA LEU A 321 17.30 -25.07 4.93
C LEU A 321 17.42 -24.08 6.09
N SER A 322 16.56 -24.21 7.10
CA SER A 322 16.56 -23.31 8.27
C SER A 322 17.94 -23.22 8.92
N ARG A 323 18.75 -24.25 8.75
CA ARG A 323 20.08 -24.28 9.34
C ARG A 323 21.16 -24.02 8.28
N LYS A 324 20.75 -23.39 7.19
CA LYS A 324 21.71 -22.89 6.18
C LYS A 324 22.77 -23.93 5.77
N GLN A 325 22.31 -25.16 5.50
CA GLN A 325 23.20 -26.28 5.17
C GLN A 325 22.72 -26.97 3.87
N PHE A 326 23.28 -26.53 2.76
CA PHE A 326 22.59 -26.61 1.46
C PHE A 326 22.86 -27.84 0.62
N GLY A 327 23.98 -28.52 0.88
CA GLY A 327 24.33 -29.73 0.12
C GLY A 327 23.30 -30.81 0.38
N ASN A 328 22.91 -30.89 1.65
CA ASN A 328 21.80 -31.73 2.12
C ASN A 328 20.48 -31.32 1.49
N VAL A 329 20.19 -30.02 1.53
CA VAL A 329 18.92 -29.49 1.01
C VAL A 329 18.69 -29.94 -0.44
N ASP A 330 19.67 -29.71 -1.31
CA ASP A 330 19.60 -30.19 -2.71
C ASP A 330 19.31 -31.68 -2.83
N ALA A 331 20.13 -32.50 -2.21
CA ALA A 331 20.04 -33.94 -2.36
C ALA A 331 18.64 -34.38 -1.99
N LEU A 332 18.26 -34.07 -0.76
CA LEU A 332 16.93 -34.41 -0.22
C LEU A 332 15.80 -33.93 -1.13
N ALA A 333 15.66 -32.61 -1.23
CA ALA A 333 14.59 -32.02 -2.01
C ALA A 333 14.54 -32.60 -3.39
N HIS A 334 15.71 -32.81 -3.99
CA HIS A 334 15.75 -33.43 -5.31
C HIS A 334 15.12 -34.80 -5.28
N LYS A 335 15.54 -35.62 -4.33
CA LYS A 335 15.03 -36.99 -4.15
C LYS A 335 13.54 -37.05 -4.01
N ALA A 336 13.03 -36.15 -3.17
CA ALA A 336 11.61 -35.98 -2.98
C ALA A 336 10.91 -35.77 -4.33
N ILE A 337 11.35 -34.77 -5.07
CA ILE A 337 10.73 -34.40 -6.36
C ILE A 337 10.73 -35.59 -7.35
N GLN A 338 11.80 -36.38 -7.32
CA GLN A 338 11.93 -37.49 -8.26
C GLN A 338 10.94 -38.59 -7.97
N TYR A 339 10.70 -38.88 -6.69
CA TYR A 339 9.98 -40.10 -6.25
C TYR A 339 8.56 -39.93 -5.74
N THR A 340 7.83 -38.95 -6.24
CA THR A 340 6.54 -38.59 -5.62
C THR A 340 5.33 -38.76 -6.51
N ASP A 341 4.30 -39.38 -5.96
CA ASP A 341 3.00 -39.48 -6.62
C ASP A 341 2.26 -38.14 -6.53
N VAL A 342 2.64 -37.35 -5.52
CA VAL A 342 1.89 -36.18 -5.09
C VAL A 342 2.49 -34.88 -5.63
N ASN A 343 1.64 -34.01 -6.16
CA ASN A 343 2.12 -32.74 -6.71
C ASN A 343 2.62 -31.80 -5.60
N ALA A 344 1.84 -31.71 -4.52
CA ALA A 344 2.17 -30.82 -3.38
C ALA A 344 3.59 -31.00 -2.93
N ILE A 345 4.00 -32.27 -2.85
CA ILE A 345 5.37 -32.58 -2.43
C ILE A 345 6.34 -32.01 -3.44
N ALA A 346 6.06 -32.25 -4.71
CA ALA A 346 6.91 -31.72 -5.78
C ALA A 346 7.03 -30.22 -5.67
N SER A 347 5.90 -29.55 -5.44
CA SER A 347 5.94 -28.09 -5.32
C SER A 347 6.77 -27.63 -4.11
N ASP A 348 6.71 -28.39 -3.03
CA ASP A 348 7.44 -28.05 -1.79
C ASP A 348 8.92 -28.23 -1.99
N GLY A 349 9.27 -29.29 -2.68
CA GLY A 349 10.67 -29.53 -3.05
C GLY A 349 11.24 -28.44 -3.93
N TRP A 350 10.50 -28.02 -4.94
CA TRP A 350 10.98 -26.98 -5.86
C TRP A 350 11.11 -25.69 -5.08
N TYR A 351 10.15 -25.45 -4.20
CA TYR A 351 10.18 -24.25 -3.40
C TYR A 351 11.42 -24.22 -2.50
N LEU A 352 11.76 -25.34 -1.87
CA LEU A 352 12.99 -25.39 -1.06
C LEU A 352 14.25 -25.13 -1.85
N LEU A 353 14.38 -25.75 -3.01
CA LEU A 353 15.49 -25.49 -3.91
C LEU A 353 15.50 -24.03 -4.35
N ALA A 354 14.34 -23.49 -4.67
CA ALA A 354 14.26 -22.08 -5.04
C ALA A 354 14.85 -21.21 -3.92
N ARG A 355 14.42 -21.43 -2.68
CA ARG A 355 14.90 -20.62 -1.56
C ARG A 355 16.37 -20.83 -1.30
N LYS A 356 16.89 -22.01 -1.65
CA LYS A 356 18.33 -22.19 -1.50
C LYS A 356 19.09 -21.36 -2.54
N GLU A 357 18.80 -21.59 -3.82
CA GLU A 357 19.42 -20.84 -4.91
C GLU A 357 19.19 -19.34 -4.82
N HIS A 358 18.09 -18.95 -4.22
CA HIS A 358 17.84 -17.56 -3.91
C HIS A 358 18.91 -17.06 -2.92
N TYR A 359 19.08 -17.75 -1.80
CA TYR A 359 20.06 -17.35 -0.77
C TYR A 359 21.44 -17.22 -1.36
N ASP A 360 21.87 -18.25 -2.09
CA ASP A 360 23.22 -18.29 -2.68
C ASP A 360 23.34 -17.31 -3.84
N GLY A 361 22.24 -17.09 -4.54
CA GLY A 361 22.11 -15.99 -5.49
C GLY A 361 22.08 -16.37 -6.96
N ASN A 362 22.07 -17.66 -7.29
CA ASN A 362 21.88 -18.08 -8.69
C ASN A 362 20.43 -17.84 -9.13
N LEU A 363 20.14 -16.61 -9.53
CA LEU A 363 18.75 -16.16 -9.71
C LEU A 363 18.00 -16.80 -10.85
N GLU A 364 18.68 -17.21 -11.92
CA GLU A 364 17.95 -17.73 -13.07
C GLU A 364 17.33 -19.06 -12.73
N ARG A 365 18.15 -19.99 -12.26
CA ARG A 365 17.64 -21.28 -11.85
C ARG A 365 16.74 -21.16 -10.64
N ALA A 366 16.96 -20.14 -9.81
CA ALA A 366 16.07 -19.91 -8.69
C ALA A 366 14.66 -19.53 -9.15
N SER A 367 14.60 -18.75 -10.23
CA SER A 367 13.33 -18.24 -10.74
C SER A 367 12.57 -19.36 -11.46
N ASP A 368 13.33 -20.19 -12.18
CA ASP A 368 12.78 -21.36 -12.85
C ASP A 368 12.19 -22.31 -11.81
N TYR A 369 12.99 -22.62 -10.79
CA TYR A 369 12.55 -23.40 -9.61
C TYR A 369 11.28 -22.82 -8.96
N TYR A 370 11.29 -21.56 -8.59
CA TYR A 370 10.05 -20.95 -8.12
C TYR A 370 8.89 -21.23 -9.08
N ARG A 371 9.13 -21.05 -10.38
CA ARG A 371 8.10 -21.25 -11.39
C ARG A 371 7.57 -22.70 -11.38
N ARG A 372 8.49 -23.65 -11.28
CA ARG A 372 8.13 -25.07 -11.25
C ARG A 372 7.34 -25.44 -10.00
N ALA A 373 7.68 -24.78 -8.91
CA ALA A 373 7.01 -24.94 -7.64
C ALA A 373 5.58 -24.43 -7.72
N ASP A 374 5.39 -23.34 -8.47
CA ASP A 374 4.06 -22.74 -8.64
C ASP A 374 3.21 -23.61 -9.55
N ASP A 375 3.78 -23.98 -10.69
CA ASP A 375 3.11 -24.83 -11.69
C ASP A 375 2.74 -26.21 -11.11
N ALA A 376 3.63 -26.81 -10.32
CA ALA A 376 3.39 -28.16 -9.74
C ALA A 376 2.06 -28.23 -9.03
N ARG A 377 1.68 -27.13 -8.37
CA ARG A 377 0.37 -27.03 -7.75
C ARG A 377 -0.66 -26.44 -8.70
N GLY A 378 -0.31 -26.41 -9.98
CA GLY A 378 -1.23 -25.95 -11.04
C GLY A 378 -0.86 -24.61 -11.64
N GLY A 379 0.11 -23.93 -11.05
CA GLY A 379 0.52 -22.65 -11.59
C GLY A 379 -0.62 -21.66 -11.48
N ALA A 380 -0.52 -20.59 -12.24
CA ALA A 380 -1.33 -19.40 -12.00
C ALA A 380 -2.79 -19.74 -11.93
N GLU A 381 -3.49 -19.02 -11.03
CA GLU A 381 -4.93 -19.23 -10.78
C GLU A 381 -5.17 -20.32 -9.77
N ARG A 382 -4.05 -20.94 -9.38
CA ARG A 382 -3.94 -21.85 -8.27
C ARG A 382 -2.46 -21.76 -8.06
N GLY A 383 -1.91 -22.57 -7.18
CA GLY A 383 -0.46 -22.61 -7.06
C GLY A 383 0.01 -22.38 -5.65
N TYR A 384 1.30 -22.12 -5.51
CA TYR A 384 1.92 -21.95 -4.21
C TYR A 384 2.25 -20.48 -4.01
N LEU A 385 1.51 -19.83 -3.12
CA LEU A 385 1.71 -18.41 -2.83
C LEU A 385 3.16 -17.98 -2.50
N PRO A 386 3.84 -18.72 -1.66
CA PRO A 386 5.24 -18.36 -1.44
C PRO A 386 6.12 -18.45 -2.70
N ALA A 387 5.77 -19.35 -3.61
CA ALA A 387 6.60 -19.57 -4.81
C ALA A 387 6.45 -18.38 -5.75
N LYS A 388 5.21 -17.93 -5.85
CA LYS A 388 4.84 -16.78 -6.63
C LYS A 388 5.55 -15.56 -6.12
N PHE A 389 5.61 -15.43 -4.80
CA PHE A 389 6.27 -14.32 -4.18
C PHE A 389 7.76 -14.39 -4.48
N GLY A 390 8.35 -15.55 -4.38
CA GLY A 390 9.78 -15.63 -4.63
C GLY A 390 10.10 -15.21 -6.06
N ALA A 391 9.21 -15.58 -6.97
CA ALA A 391 9.35 -15.18 -8.36
C ALA A 391 9.35 -13.66 -8.43
N ALA A 392 8.34 -13.05 -7.81
CA ALA A 392 8.17 -11.58 -7.85
C ALA A 392 9.41 -10.86 -7.36
N GLN A 393 9.98 -11.33 -6.27
CA GLN A 393 11.21 -10.76 -5.75
C GLN A 393 12.34 -10.96 -6.74
N LEU A 394 12.46 -12.18 -7.25
CA LEU A 394 13.52 -12.47 -8.23
C LEU A 394 13.42 -11.60 -9.48
N SER A 395 12.19 -11.18 -9.81
CA SER A 395 12.02 -10.35 -10.97
C SER A 395 12.32 -8.89 -10.60
N VAL A 396 12.03 -8.50 -9.35
CA VAL A 396 12.41 -7.18 -8.86
C VAL A 396 13.90 -6.99 -8.99
N LEU A 397 14.66 -7.97 -8.54
CA LEU A 397 16.06 -7.97 -8.89
C LEU A 397 16.10 -8.43 -10.34
N LYS A 398 17.22 -8.18 -11.01
CA LYS A 398 17.31 -8.13 -12.49
C LYS A 398 16.71 -6.84 -13.04
N ASN A 399 16.18 -6.00 -12.15
CA ASN A 399 15.62 -4.69 -12.48
C ASN A 399 14.45 -4.75 -13.43
N ASP A 400 13.89 -5.94 -13.63
CA ASP A 400 12.78 -6.10 -14.56
C ASP A 400 11.51 -5.92 -13.75
N LEU A 401 11.32 -4.67 -13.32
CA LEU A 401 10.30 -4.27 -12.34
C LEU A 401 8.88 -4.33 -12.90
N GLY A 402 8.75 -4.33 -14.22
CA GLY A 402 7.43 -4.44 -14.82
C GLY A 402 6.76 -5.75 -14.46
N GLU A 403 7.52 -6.85 -14.61
CA GLU A 403 6.96 -8.19 -14.38
C GLU A 403 6.68 -8.43 -12.91
N ALA A 404 7.54 -7.89 -12.06
CA ALA A 404 7.28 -7.83 -10.63
C ALA A 404 5.92 -7.20 -10.37
N LYS A 405 5.68 -6.05 -10.99
CA LYS A 405 4.36 -5.40 -10.89
C LYS A 405 3.25 -6.33 -11.33
N LEU A 406 3.49 -7.09 -12.41
CA LEU A 406 2.49 -8.06 -12.90
C LEU A 406 2.03 -8.96 -11.77
N ARG A 407 2.98 -9.75 -11.28
CA ARG A 407 2.69 -10.91 -10.42
C ARG A 407 2.17 -10.49 -9.05
N LEU A 408 2.70 -9.38 -8.54
CA LEU A 408 2.24 -8.83 -7.26
C LEU A 408 0.79 -8.42 -7.39
N GLU A 409 0.47 -7.70 -8.46
CA GLU A 409 -0.90 -7.32 -8.72
C GLU A 409 -1.78 -8.57 -8.81
N LYS A 410 -1.29 -9.56 -9.55
CA LYS A 410 -2.01 -10.82 -9.78
C LYS A 410 -2.37 -11.42 -8.43
N MET A 411 -1.38 -11.43 -7.53
CA MET A 411 -1.52 -11.93 -6.16
C MET A 411 -2.49 -11.18 -5.26
N ILE A 412 -2.37 -9.86 -5.23
CA ILE A 412 -3.25 -9.06 -4.37
C ILE A 412 -4.69 -9.14 -4.85
N GLN A 413 -4.86 -9.37 -6.16
CA GLN A 413 -6.18 -9.61 -6.74
C GLN A 413 -6.73 -10.96 -6.25
N HIS A 414 -5.88 -11.98 -6.15
CA HIS A 414 -6.24 -13.27 -5.54
C HIS A 414 -6.63 -13.09 -4.06
N SER A 415 -5.75 -12.49 -3.28
CA SER A 415 -6.02 -12.21 -1.85
C SER A 415 -5.11 -11.10 -1.36
N LYS A 416 -5.57 -10.42 -0.31
CA LYS A 416 -4.84 -9.26 0.21
C LYS A 416 -3.60 -9.64 0.99
N ASN A 417 -2.71 -10.37 0.32
CA ASN A 417 -1.50 -10.83 0.95
C ASN A 417 -0.62 -9.68 1.42
N TYR A 418 -0.27 -9.71 2.70
CA TYR A 418 0.57 -8.68 3.29
C TYR A 418 1.88 -8.47 2.53
N GLU A 419 2.63 -9.54 2.32
CA GLU A 419 3.97 -9.45 1.72
C GLU A 419 3.96 -8.90 0.29
N ALA A 420 2.93 -9.24 -0.47
CA ALA A 420 2.73 -8.67 -1.81
C ALA A 420 2.49 -7.17 -1.64
N MET A 421 1.45 -6.82 -0.87
CA MET A 421 1.06 -5.43 -0.64
C MET A 421 2.23 -4.52 -0.28
N ILE A 422 3.07 -4.94 0.65
CA ILE A 422 4.18 -4.10 1.09
C ILE A 422 5.23 -3.96 -0.01
N LEU A 423 5.42 -5.00 -0.80
CA LEU A 423 6.46 -4.95 -1.83
C LEU A 423 6.00 -4.14 -3.02
N LEU A 424 4.76 -4.35 -3.41
CA LEU A 424 4.21 -3.63 -4.53
C LEU A 424 4.20 -2.14 -4.19
N GLY A 425 3.57 -1.78 -3.07
CA GLY A 425 3.51 -0.38 -2.60
C GLY A 425 4.86 0.33 -2.56
N THR A 426 5.88 -0.35 -2.01
CA THR A 426 7.24 0.17 -2.00
C THR A 426 7.69 0.42 -3.41
N LEU A 427 7.40 -0.54 -4.29
CA LEU A 427 7.80 -0.46 -5.70
C LEU A 427 7.24 0.82 -6.36
N TYR A 428 5.94 1.03 -6.21
CA TYR A 428 5.27 2.21 -6.68
C TYR A 428 5.84 3.49 -6.04
N ALA A 429 5.97 3.50 -4.72
CA ALA A 429 6.49 4.67 -4.06
C ALA A 429 7.80 5.04 -4.70
N GLU A 430 8.75 4.11 -4.73
CA GLU A 430 10.06 4.41 -5.28
C GLU A 430 9.98 4.90 -6.72
N GLU A 431 8.97 4.46 -7.46
CA GLU A 431 8.78 4.90 -8.85
C GLU A 431 8.47 6.40 -8.90
N VAL A 432 7.53 6.83 -8.07
CA VAL A 432 7.20 8.25 -7.87
C VAL A 432 8.42 9.10 -7.46
N PHE A 433 9.14 8.63 -6.46
CA PHE A 433 10.29 9.37 -5.91
C PHE A 433 11.35 9.55 -7.00
N ALA A 434 11.57 8.51 -7.79
CA ALA A 434 12.55 8.56 -8.87
C ALA A 434 12.11 9.54 -9.94
N ASN A 435 10.82 9.51 -10.22
CA ASN A 435 10.26 10.34 -11.25
C ASN A 435 10.55 11.78 -10.99
N GLN A 436 10.35 12.18 -9.73
CA GLN A 436 10.44 13.60 -9.33
C GLN A 436 11.81 14.23 -9.55
N SER A 437 12.86 13.45 -9.74
CA SER A 437 14.18 14.01 -10.05
C SER A 437 14.60 13.68 -11.48
N ALA A 438 13.63 13.33 -12.31
CA ALA A 438 13.89 12.99 -13.70
C ALA A 438 13.94 14.23 -14.59
N ALA A 439 14.48 14.06 -15.79
CA ALA A 439 14.59 15.14 -16.76
C ALA A 439 13.22 15.62 -17.19
N VAL A 440 12.28 14.68 -17.34
CA VAL A 440 10.90 15.03 -17.64
C VAL A 440 9.97 14.30 -16.70
N LYS A 441 9.28 15.06 -15.86
CA LYS A 441 8.36 14.49 -14.92
C LYS A 441 7.17 13.92 -15.68
N GLU A 442 7.08 12.59 -15.71
CA GLU A 442 5.88 11.89 -16.12
C GLU A 442 4.81 12.08 -15.08
N ASP A 443 3.55 11.84 -15.46
CA ASP A 443 2.44 11.91 -14.50
C ASP A 443 2.22 10.57 -13.82
N LYS A 444 2.56 10.52 -12.54
CA LYS A 444 2.45 9.30 -11.80
C LYS A 444 1.60 9.51 -10.59
N SER A 445 0.48 10.20 -10.76
CA SER A 445 -0.44 10.43 -9.64
C SER A 445 -1.22 9.17 -9.31
N ALA A 446 -1.51 8.38 -10.34
CA ALA A 446 -2.16 7.10 -10.18
C ALA A 446 -1.24 6.10 -9.42
N GLU A 447 0.02 6.03 -9.81
CA GLU A 447 1.01 5.16 -9.12
C GLU A 447 1.22 5.58 -7.67
N ALA A 448 1.20 6.90 -7.42
CA ALA A 448 1.26 7.44 -6.07
C ALA A 448 0.06 6.97 -5.27
N LYS A 449 -1.15 7.09 -5.83
CA LYS A 449 -2.32 6.65 -5.08
C LYS A 449 -2.20 5.17 -4.76
N LYS A 450 -1.98 4.37 -5.80
CA LYS A 450 -1.79 2.92 -5.63
C LYS A 450 -0.85 2.64 -4.44
N ALA A 451 0.28 3.32 -4.40
CA ALA A 451 1.22 3.14 -3.31
C ALA A 451 0.58 3.49 -1.96
N ILE A 452 0.00 4.67 -1.87
CA ILE A 452 -0.62 5.12 -0.62
C ILE A 452 -1.62 4.10 -0.11
N SER A 453 -2.56 3.70 -0.96
CA SER A 453 -3.56 2.67 -0.62
C SER A 453 -2.96 1.35 -0.13
N LEU A 454 -1.92 0.89 -0.81
CA LEU A 454 -1.24 -0.34 -0.43
C LEU A 454 -0.60 -0.29 0.94
N LEU A 455 0.09 0.79 1.23
CA LEU A 455 0.76 0.94 2.52
C LEU A 455 -0.20 1.31 3.67
N GLU A 456 -1.38 1.83 3.33
CA GLU A 456 -2.44 2.02 4.33
C GLU A 456 -3.14 0.71 4.64
N GLY A 457 -3.16 -0.17 3.64
CA GLY A 457 -3.60 -1.55 3.83
C GLY A 457 -2.61 -2.32 4.69
N VAL A 458 -1.33 -2.00 4.56
CA VAL A 458 -0.30 -2.51 5.44
C VAL A 458 -0.46 -1.97 6.85
N ARG A 459 -0.90 -0.72 6.99
CA ARG A 459 -1.17 -0.16 8.32
C ARG A 459 -2.33 -0.87 8.99
N SER A 460 -3.36 -1.17 8.21
CA SER A 460 -4.47 -2.00 8.66
C SER A 460 -3.99 -3.34 9.21
N ALA A 461 -2.97 -3.90 8.57
CA ALA A 461 -2.34 -5.16 9.02
C ALA A 461 -1.65 -5.02 10.38
N TRP A 462 -1.08 -3.87 10.63
CA TRP A 462 -0.48 -3.61 11.94
C TRP A 462 -1.59 -3.41 12.98
N LYS A 463 -2.77 -3.00 12.50
CA LYS A 463 -3.87 -2.64 13.38
C LYS A 463 -4.57 -3.83 14.01
N ASP A 464 -4.82 -4.86 13.22
CA ASP A 464 -5.69 -5.95 13.66
C ASP A 464 -4.97 -6.91 14.61
N PRO A 465 -5.54 -7.14 15.82
CA PRO A 465 -4.85 -7.93 16.85
C PRO A 465 -4.43 -9.33 16.41
N LYS A 466 -5.24 -9.96 15.55
CA LYS A 466 -5.07 -11.36 15.14
C LYS A 466 -3.72 -11.66 14.50
N ARG A 467 -3.27 -10.78 13.63
CA ARG A 467 -1.92 -10.93 13.05
C ARG A 467 -0.92 -10.62 14.18
N ASN A 468 0.36 -10.90 13.98
CA ASN A 468 1.34 -10.69 15.06
C ASN A 468 1.92 -9.28 15.14
N LEU A 469 1.75 -8.48 14.08
CA LEU A 469 1.84 -6.98 14.11
C LEU A 469 3.28 -6.43 14.17
N SER A 470 4.20 -6.93 13.35
CA SER A 470 5.53 -6.31 13.23
C SER A 470 5.46 -4.99 12.42
N PRO A 471 6.03 -3.88 12.96
CA PRO A 471 6.02 -2.59 12.26
C PRO A 471 7.36 -2.22 11.61
N ASP A 472 7.27 -1.54 10.46
CA ASP A 472 8.43 -1.16 9.63
C ASP A 472 8.61 0.35 9.58
N ALA A 473 9.84 0.81 9.74
CA ALA A 473 10.15 2.22 9.59
C ALA A 473 10.00 2.61 8.12
N ALA A 474 10.77 1.94 7.27
CA ALA A 474 10.82 2.19 5.84
C ALA A 474 9.44 2.49 5.22
N VAL A 475 8.43 1.71 5.59
CA VAL A 475 7.05 1.91 5.09
C VAL A 475 6.50 3.25 5.55
N LEU A 476 6.76 3.60 6.80
CA LEU A 476 6.29 4.87 7.38
C LEU A 476 6.93 6.09 6.71
N LEU A 477 8.23 5.99 6.46
CA LEU A 477 8.98 7.06 5.83
C LEU A 477 8.53 7.33 4.40
N ASN A 478 8.36 6.26 3.65
CA ASN A 478 7.87 6.36 2.27
C ASN A 478 6.49 7.01 2.27
N LEU A 479 5.62 6.45 3.08
CA LEU A 479 4.26 6.92 3.22
C LEU A 479 4.21 8.37 3.66
N ALA A 480 5.24 8.79 4.41
CA ALA A 480 5.36 10.18 4.86
C ALA A 480 5.67 11.08 3.69
N ARG A 481 6.61 10.63 2.86
CA ARG A 481 6.95 11.37 1.67
C ARG A 481 5.77 11.41 0.68
N LEU A 482 5.01 10.33 0.55
CA LEU A 482 3.88 10.30 -0.39
C LEU A 482 2.88 11.35 -0.01
N TYR A 483 2.56 11.38 1.27
CA TYR A 483 1.57 12.28 1.78
C TYR A 483 2.06 13.73 1.77
N GLU A 484 3.37 13.89 1.94
CA GLU A 484 4.04 15.22 2.01
C GLU A 484 3.47 16.34 1.10
N SER A 485 3.32 16.04 -0.18
CA SER A 485 3.04 17.08 -1.15
C SER A 485 1.67 17.74 -0.93
N GLU A 486 0.63 16.94 -0.72
CA GLU A 486 -0.75 17.43 -0.73
C GLU A 486 -1.54 17.10 0.54
N SER A 487 -1.13 16.07 1.29
CA SER A 487 -1.80 15.74 2.54
C SER A 487 -0.82 15.72 3.70
N PRO A 488 -0.22 16.88 4.01
CA PRO A 488 0.95 16.98 4.88
C PRO A 488 0.73 16.52 6.32
N ASP A 489 -0.47 16.74 6.88
CA ASP A 489 -0.74 16.32 8.26
C ASP A 489 -0.57 14.80 8.49
N LYS A 490 -0.91 13.99 7.48
CA LYS A 490 -0.71 12.55 7.55
C LYS A 490 0.76 12.22 7.53
N ALA A 491 1.49 12.99 6.74
CA ALA A 491 2.93 12.83 6.70
C ALA A 491 3.53 13.12 8.07
N LEU A 492 2.99 14.14 8.73
CA LEU A 492 3.46 14.52 10.08
C LEU A 492 3.26 13.38 11.07
N GLN A 493 2.03 12.86 11.10
CA GLN A 493 1.65 11.79 12.02
C GLN A 493 2.58 10.62 11.82
N CYS A 494 2.74 10.23 10.56
CA CYS A 494 3.69 9.18 10.19
C CYS A 494 5.03 9.40 10.88
N LEU A 495 5.60 10.59 10.70
CA LEU A 495 6.93 10.90 11.23
C LEU A 495 6.93 10.95 12.73
N GLN A 496 5.79 11.27 13.32
CA GLN A 496 5.62 11.18 14.77
C GLN A 496 5.72 9.73 15.30
N GLN A 497 5.14 8.79 14.58
CA GLN A 497 5.22 7.37 14.97
C GLN A 497 6.60 6.78 14.64
N VAL A 498 7.29 7.38 13.68
CA VAL A 498 8.66 6.98 13.38
C VAL A 498 9.55 7.53 14.49
N GLU A 499 9.19 8.71 15.01
CA GLU A 499 9.87 9.27 16.18
C GLU A 499 9.79 8.24 17.31
N GLN A 500 8.56 7.84 17.63
CA GLN A 500 8.31 6.88 18.71
C GLN A 500 9.02 5.55 18.55
N LEU A 501 8.94 4.95 17.38
CA LEU A 501 9.70 3.73 17.15
C LEU A 501 11.21 3.93 17.36
N GLU A 502 11.73 5.08 16.96
CA GLU A 502 13.17 5.38 17.09
C GLU A 502 13.57 5.57 18.56
N ILE A 503 12.71 6.25 19.32
CA ILE A 503 12.99 6.54 20.74
C ILE A 503 12.87 5.28 21.60
N ASP A 504 11.91 4.43 21.27
CA ASP A 504 11.65 3.21 22.03
C ASP A 504 12.88 2.34 22.02
N GLN A 505 13.46 2.14 20.83
CA GLN A 505 14.71 1.40 20.71
C GLN A 505 15.94 2.22 21.15
N ALA A 524 11.42 17.36 30.42
CA ALA A 524 10.50 16.32 29.98
C ALA A 524 11.13 15.43 28.90
N ILE A 525 11.10 15.91 27.65
CA ILE A 525 11.54 15.12 26.50
C ILE A 525 12.75 15.80 25.90
N ARG A 526 13.86 15.09 25.93
CA ARG A 526 15.06 15.44 25.20
C ARG A 526 15.25 14.34 24.17
N LYS A 527 15.24 14.72 22.90
CA LYS A 527 15.24 13.75 21.81
C LYS A 527 16.26 14.09 20.78
N LEU A 528 17.32 13.30 20.77
CA LEU A 528 18.30 13.44 19.74
C LEU A 528 18.28 12.10 18.98
N LEU A 529 17.33 12.01 18.03
CA LEU A 529 17.23 10.91 17.05
C LEU A 529 17.93 11.42 15.77
N PRO A 530 17.89 10.64 14.67
CA PRO A 530 18.59 11.18 13.50
C PRO A 530 18.03 12.54 13.05
N PRO A 531 18.92 13.46 12.63
CA PRO A 531 18.59 14.84 12.28
C PRO A 531 17.51 15.03 11.21
N GLN A 532 17.52 14.20 10.19
CA GLN A 532 16.60 14.38 9.09
C GLN A 532 15.17 14.22 9.58
N LEU A 533 14.93 13.17 10.35
CA LEU A 533 13.61 12.95 10.90
C LEU A 533 13.14 14.18 11.70
N LEU A 534 13.96 14.66 12.62
CA LEU A 534 13.64 15.81 13.46
C LEU A 534 13.38 17.06 12.66
N ASN A 535 14.22 17.29 11.65
CA ASN A 535 14.04 18.42 10.74
C ASN A 535 12.69 18.38 10.05
N ASN A 536 12.38 17.27 9.41
CA ASN A 536 11.14 17.20 8.68
C ASN A 536 9.97 17.44 9.62
N ILE A 537 9.99 16.79 10.77
CA ILE A 537 8.93 16.96 11.73
C ILE A 537 8.83 18.45 11.98
N GLY A 538 9.98 19.08 12.20
CA GLY A 538 10.05 20.54 12.39
C GLY A 538 9.36 21.31 11.29
N CYS A 539 9.62 20.86 10.05
CA CYS A 539 9.04 21.42 8.82
C CYS A 539 7.54 21.31 8.75
N PHE A 540 7.01 20.17 9.23
CA PHE A 540 5.55 19.95 9.17
C PHE A 540 4.89 20.75 10.26
N TYR A 541 5.56 20.82 11.39
CA TYR A 541 5.11 21.68 12.47
C TYR A 541 5.12 23.13 12.01
N SER A 542 6.13 23.50 11.24
CA SER A 542 6.26 24.86 10.75
C SER A 542 5.16 25.24 9.74
N GLN A 543 4.66 24.28 8.97
CA GLN A 543 3.60 24.57 8.00
C GLN A 543 2.31 24.82 8.73
N GLU A 544 2.09 24.06 9.80
CA GLU A 544 1.11 24.41 10.82
C GLU A 544 1.64 25.61 11.61
N GLY A 545 0.84 26.11 12.53
CA GLY A 545 1.25 27.30 13.27
C GLY A 545 2.38 27.06 14.25
N LYS A 546 2.67 25.80 14.58
CA LYS A 546 3.48 25.49 15.76
C LYS A 546 4.94 25.85 15.48
N HIS A 547 5.22 27.15 15.48
CA HIS A 547 6.54 27.65 15.08
C HIS A 547 7.62 27.46 16.15
N ARG A 548 7.21 27.39 17.41
CA ARG A 548 8.20 27.13 18.45
C ARG A 548 8.45 25.63 18.54
N LEU A 549 7.38 24.86 18.41
CA LEU A 549 7.57 23.43 18.41
C LEU A 549 8.54 23.02 17.31
N ALA A 550 8.33 23.62 16.14
CA ALA A 550 9.24 23.53 15.00
C ALA A 550 10.68 23.93 15.38
N THR A 551 10.80 25.12 15.98
CA THR A 551 12.09 25.68 16.41
C THR A 551 12.85 24.76 17.36
N GLU A 552 12.12 24.16 18.29
CA GLU A 552 12.72 23.22 19.24
C GLU A 552 13.22 21.98 18.53
N PHE A 553 12.42 21.54 17.54
CA PHE A 553 12.80 20.39 16.70
C PHE A 553 14.02 20.65 15.83
N PHE A 554 14.09 21.83 15.22
CA PHE A 554 15.31 22.20 14.50
C PHE A 554 16.53 22.24 15.39
N GLN A 555 16.39 22.82 16.59
CA GLN A 555 17.50 22.94 17.51
C GLN A 555 17.94 21.56 17.89
N ALA A 556 16.95 20.70 18.17
CA ALA A 556 17.20 19.30 18.53
C ALA A 556 17.94 18.55 17.42
N ALA A 557 17.60 18.87 16.18
CA ALA A 557 18.28 18.31 15.01
C ALA A 557 19.75 18.70 14.93
N LEU A 558 20.00 19.99 15.17
CA LEU A 558 21.36 20.51 15.23
C LEU A 558 22.17 19.81 16.30
N ASP A 559 21.62 19.74 17.51
CA ASP A 559 22.33 19.08 18.60
C ASP A 559 22.67 17.67 18.15
N SER A 560 21.65 16.99 17.64
CA SER A 560 21.79 15.63 17.19
C SER A 560 22.91 15.47 16.16
N CYS A 561 23.03 16.42 15.21
CA CYS A 561 24.16 16.44 14.25
C CYS A 561 25.52 16.60 14.93
N ALA A 562 25.54 17.41 15.97
CA ALA A 562 26.76 17.60 16.75
C ALA A 562 27.19 16.28 17.39
N ARG A 563 26.25 15.55 17.97
CA ARG A 563 26.52 14.24 18.53
C ARG A 563 27.07 13.28 17.48
N ILE A 564 26.56 13.33 16.26
CA ILE A 564 27.07 12.46 15.20
C ILE A 564 28.51 12.90 14.83
N SER A 565 28.73 14.20 14.77
CA SER A 565 30.02 14.76 14.40
C SER A 565 31.15 14.20 15.26
N GLN A 566 30.93 14.15 16.58
CA GLN A 566 31.95 13.65 17.51
C GLN A 566 32.26 12.17 17.30
N THR A 567 31.22 11.37 17.02
CA THR A 567 31.35 9.90 16.91
C THR A 567 31.81 9.48 15.53
N GLU A 568 31.56 8.22 15.19
CA GLU A 568 32.09 7.63 13.97
C GLU A 568 31.38 8.08 12.70
N ASN A 569 30.07 7.90 12.66
CA ASN A 569 29.34 7.89 11.39
C ASN A 569 29.49 9.19 10.59
N ASP A 570 29.99 9.02 9.36
CA ASP A 570 30.10 10.14 8.47
C ASP A 570 28.80 10.33 7.69
N LEU A 571 28.11 11.42 8.01
CA LEU A 571 27.04 11.96 7.18
C LEU A 571 27.54 13.30 6.72
N ASP A 572 26.93 13.87 5.70
CA ASP A 572 27.35 15.19 5.23
C ASP A 572 26.91 16.22 6.27
N ILE A 573 27.65 16.27 7.37
CA ILE A 573 27.29 17.11 8.52
C ILE A 573 27.36 18.61 8.18
N ASP A 574 28.31 18.98 7.33
CA ASP A 574 28.42 20.36 6.88
C ASP A 574 27.20 20.78 6.07
N ALA A 575 26.73 19.92 5.17
CA ALA A 575 25.46 20.18 4.46
C ALA A 575 24.26 20.36 5.40
N LEU A 576 24.09 19.43 6.32
CA LEU A 576 23.02 19.53 7.32
C LEU A 576 23.21 20.74 8.24
N LEU A 577 24.46 21.14 8.46
CA LEU A 577 24.75 22.32 9.27
C LEU A 577 24.65 23.63 8.48
N THR A 578 24.34 23.53 7.18
CA THR A 578 23.96 24.69 6.37
C THR A 578 22.45 24.74 6.21
N THR A 579 21.85 23.61 5.83
CA THR A 579 20.40 23.55 5.67
C THR A 579 19.69 23.86 7.00
N ILE A 580 19.89 23.02 8.01
CA ILE A 580 19.08 23.09 9.24
C ILE A 580 19.11 24.46 9.93
N PRO A 581 20.29 25.11 10.04
CA PRO A 581 20.28 26.46 10.63
C PRO A 581 19.56 27.53 9.82
N PHE A 582 19.37 27.29 8.54
CA PHE A 582 18.51 28.15 7.77
C PHE A 582 17.10 27.92 8.23
N ASN A 583 16.72 26.66 8.32
CA ASN A 583 15.39 26.28 8.76
C ASN A 583 15.13 26.91 10.13
N LEU A 584 16.13 26.83 11.01
CA LEU A 584 16.02 27.40 12.36
C LEU A 584 15.82 28.92 12.33
N GLY A 585 16.55 29.59 11.45
CA GLY A 585 16.42 31.04 11.26
C GLY A 585 15.05 31.40 10.74
N ARG A 586 14.60 30.61 9.77
CA ARG A 586 13.27 30.73 9.21
C ARG A 586 12.17 30.55 10.25
N SER A 587 12.40 29.61 11.16
CA SER A 587 11.44 29.31 12.22
C SER A 587 11.39 30.45 13.21
N TYR A 588 12.55 30.93 13.62
CA TYR A 588 12.66 32.14 14.47
C TYR A 588 11.89 33.29 13.83
N GLU A 589 12.19 33.52 12.59
CA GLU A 589 11.47 34.51 11.82
C GLU A 589 9.96 34.33 11.85
N TYR A 590 9.49 33.10 11.66
CA TYR A 590 8.06 32.78 11.71
C TYR A 590 7.58 33.14 13.09
N GLU A 591 8.38 32.71 14.05
CA GLU A 591 8.08 32.87 15.46
C GLU A 591 8.02 34.31 15.88
N GLY A 592 8.97 35.11 15.43
CA GLY A 592 8.97 36.52 15.78
C GLY A 592 10.27 37.11 16.25
N ASP A 593 11.07 36.40 17.05
CA ASP A 593 12.32 36.99 17.56
C ASP A 593 13.27 37.00 16.38
N ILE A 594 12.95 37.94 15.53
CA ILE A 594 13.60 38.18 14.29
C ILE A 594 15.07 38.50 14.47
N ASP A 595 15.41 39.22 15.52
CA ASP A 595 16.80 39.60 15.75
C ASP A 595 17.61 38.33 15.83
N LYS A 596 17.12 37.37 16.61
CA LYS A 596 17.78 36.04 16.71
C LYS A 596 17.76 35.27 15.39
N ALA A 597 16.67 35.40 14.66
CA ALA A 597 16.64 34.90 13.28
C ALA A 597 17.78 35.50 12.47
N ILE A 598 17.91 36.83 12.54
CA ILE A 598 18.99 37.53 11.86
C ILE A 598 20.31 36.90 12.25
N GLU A 599 20.60 36.91 13.55
CA GLU A 599 21.92 36.45 14.01
C GLU A 599 22.21 35.00 13.57
N THR A 600 21.18 34.15 13.51
CA THR A 600 21.40 32.78 13.10
C THR A 600 21.71 32.71 11.60
N TYR A 601 20.94 33.44 10.79
CA TYR A 601 21.21 33.58 9.35
C TYR A 601 22.65 34.07 9.15
N GLU A 602 22.99 35.13 9.86
CA GLU A 602 24.33 35.69 9.80
C GLU A 602 25.42 34.70 10.21
N GLN A 603 25.22 33.96 11.30
CA GLN A 603 26.23 33.00 11.75
C GLN A 603 26.41 31.91 10.72
N LEU A 604 25.29 31.41 10.21
CA LEU A 604 25.30 30.46 9.08
C LEU A 604 26.03 31.04 7.88
N LEU A 605 25.84 32.34 7.65
CA LEU A 605 26.50 33.05 6.54
C LEU A 605 27.99 33.28 6.78
N SER A 606 28.35 33.67 8.00
CA SER A 606 29.77 33.86 8.35
C SER A 606 30.59 32.61 8.00
N ARG A 607 30.06 31.45 8.37
CA ARG A 607 30.68 30.18 8.02
C ARG A 607 30.41 29.84 6.54
N HIS A 608 29.40 30.44 5.96
CA HIS A 608 28.95 30.03 4.64
C HIS A 608 28.05 31.08 4.00
N SER A 609 28.68 32.12 3.45
CA SER A 609 27.97 33.32 2.98
C SER A 609 27.40 33.24 1.57
N ASP A 610 27.62 32.11 0.89
CA ASP A 610 27.11 31.89 -0.46
C ASP A 610 25.82 31.08 -0.49
N TYR A 611 25.34 30.64 0.68
CA TYR A 611 23.98 30.10 0.83
C TYR A 611 22.99 31.25 0.71
N THR A 612 22.34 31.33 -0.44
CA THR A 612 21.71 32.60 -0.85
C THR A 612 20.33 32.80 -0.27
N ASP A 613 19.57 31.70 -0.13
CA ASP A 613 18.24 31.73 0.48
C ASP A 613 18.31 32.43 1.84
N ALA A 614 19.43 32.23 2.55
CA ALA A 614 19.64 32.92 3.82
C ALA A 614 19.66 34.43 3.63
N ARG A 615 20.48 34.91 2.71
CA ARG A 615 20.58 36.36 2.52
C ARG A 615 19.32 36.94 1.87
N THR A 616 18.63 36.12 1.07
CA THR A 616 17.33 36.52 0.52
C THR A 616 16.32 36.79 1.64
N ARG A 617 16.26 35.90 2.63
CA ARG A 617 15.45 36.15 3.85
C ARG A 617 15.98 37.36 4.60
N LEU A 618 17.29 37.53 4.65
CA LEU A 618 17.87 38.70 5.30
C LEU A 618 17.36 39.95 4.60
N ALA A 619 17.36 39.94 3.28
CA ALA A 619 16.97 41.11 2.51
C ALA A 619 15.49 41.44 2.65
N TYR A 620 14.68 40.41 2.89
CA TYR A 620 13.27 40.64 3.11
C TYR A 620 13.11 41.21 4.53
N ILE A 621 13.76 40.55 5.51
CA ILE A 621 13.77 41.04 6.90
C ILE A 621 14.13 42.54 6.88
N LYS A 622 15.09 42.87 6.04
CA LYS A 622 15.53 44.24 5.80
C LYS A 622 14.50 45.09 5.07
N LEU A 623 13.89 44.53 4.03
CA LEU A 623 12.91 45.31 3.29
C LEU A 623 11.78 45.77 4.20
N ARG A 624 11.37 44.96 5.18
CA ARG A 624 10.29 45.35 6.10
C ARG A 624 10.75 46.29 7.23
N ARG A 625 11.98 46.08 7.72
CA ARG A 625 12.52 46.86 8.84
C ARG A 625 12.92 48.26 8.42
N ASN A 626 13.50 48.39 7.24
CA ASN A 626 14.02 49.68 6.77
C ASN A 626 13.59 49.96 5.34
N PRO A 627 12.31 50.34 5.14
CA PRO A 627 11.79 50.42 3.78
C PRO A 627 12.49 51.48 2.98
N ASN A 628 12.76 52.60 3.62
CA ASN A 628 13.44 53.71 2.97
C ASN A 628 14.81 53.31 2.47
N LYS A 629 15.61 52.74 3.37
CA LYS A 629 17.05 52.86 3.29
C LYS A 629 17.82 51.57 2.99
N GLU A 630 18.12 50.77 4.01
CA GLU A 630 19.04 49.64 3.87
C GLU A 630 18.38 48.52 3.11
N GLY A 631 17.09 48.35 3.31
CA GLY A 631 16.34 47.33 2.61
C GLY A 631 16.49 47.43 1.10
N PRO A 632 16.05 48.55 0.50
CA PRO A 632 16.26 48.69 -0.95
C PRO A 632 17.72 48.60 -1.32
N ASP A 633 18.59 49.09 -0.44
CA ASP A 633 20.03 48.91 -0.59
C ASP A 633 20.35 47.40 -0.68
N ALA A 634 19.90 46.67 0.34
CA ALA A 634 20.15 45.25 0.48
C ALA A 634 19.62 44.41 -0.66
N VAL A 635 18.42 44.69 -1.14
CA VAL A 635 17.81 43.90 -2.22
C VAL A 635 18.51 44.16 -3.54
N ALA A 636 18.84 45.42 -3.80
CA ALA A 636 19.60 45.79 -4.99
C ALA A 636 20.88 44.95 -5.00
N LYS A 637 21.61 45.04 -3.88
CA LYS A 637 22.88 44.35 -3.69
C LYS A 637 22.72 42.86 -3.97
N LEU A 638 21.61 42.29 -3.50
CA LEU A 638 21.29 40.86 -3.67
C LEU A 638 20.91 40.49 -5.08
N TYR A 639 20.18 41.39 -5.73
CA TYR A 639 19.87 41.25 -7.13
C TYR A 639 21.15 41.30 -7.98
N GLN A 640 22.03 42.25 -7.67
CA GLN A 640 23.29 42.39 -8.40
C GLN A 640 24.13 41.15 -8.11
N GLU A 641 24.54 40.99 -6.85
CA GLU A 641 25.43 39.89 -6.47
C GLU A 641 24.92 38.53 -6.86
N ASN A 642 23.62 38.41 -7.09
CA ASN A 642 23.02 37.07 -7.22
C ASN A 642 21.81 36.98 -8.17
N PRO A 643 21.98 37.44 -9.41
CA PRO A 643 20.90 37.85 -10.31
C PRO A 643 20.07 36.78 -11.03
N SER A 644 20.36 35.50 -10.83
CA SER A 644 19.60 34.47 -11.57
C SER A 644 18.87 33.48 -10.67
N ASP A 645 18.74 33.81 -9.39
CA ASP A 645 17.99 32.94 -8.48
C ASP A 645 16.52 33.32 -8.54
N LEU A 646 15.68 32.40 -8.98
CA LEU A 646 14.25 32.68 -9.19
C LEU A 646 13.50 33.17 -7.95
N GLU A 647 13.88 32.66 -6.77
CA GLU A 647 13.34 33.16 -5.50
C GLU A 647 13.80 34.60 -5.29
N VAL A 648 15.09 34.82 -5.38
CA VAL A 648 15.67 36.16 -5.27
C VAL A 648 14.99 37.09 -6.27
N ARG A 649 14.76 36.54 -7.45
CA ARG A 649 14.13 37.29 -8.48
C ARG A 649 12.78 37.74 -7.93
N GLY A 650 11.93 36.77 -7.61
CA GLY A 650 10.58 37.04 -7.13
C GLY A 650 10.55 38.14 -6.10
N LEU A 651 11.48 38.08 -5.15
CA LEU A 651 11.58 39.07 -4.09
C LEU A 651 11.81 40.48 -4.65
N TYR A 652 12.73 40.55 -5.60
CA TYR A 652 13.02 41.82 -6.26
C TYR A 652 11.79 42.35 -6.99
N GLY A 653 11.09 41.47 -7.70
CA GLY A 653 9.85 41.85 -8.34
C GLY A 653 8.80 42.33 -7.33
N TRP A 654 8.71 41.62 -6.20
CA TRP A 654 7.81 42.01 -5.12
C TRP A 654 8.13 43.39 -4.64
N PHE A 655 9.42 43.66 -4.48
CA PHE A 655 9.93 45.00 -4.17
C PHE A 655 9.54 46.07 -5.18
N LEU A 656 9.58 45.74 -6.46
CA LEU A 656 9.20 46.68 -7.51
C LEU A 656 7.71 46.96 -7.48
N SER A 657 6.92 45.99 -7.04
CA SER A 657 5.48 46.17 -6.91
C SER A 657 5.21 47.22 -5.82
N LYS A 658 6.01 47.17 -4.77
CA LYS A 658 5.86 48.08 -3.64
C LYS A 658 6.12 49.51 -4.04
N VAL A 659 7.08 49.68 -4.95
CA VAL A 659 7.42 50.98 -5.53
C VAL A 659 6.28 51.54 -6.43
N ASN A 660 5.59 50.66 -7.16
CA ASN A 660 4.41 51.02 -7.96
C ASN A 660 3.23 51.44 -7.08
N SER A 661 3.05 50.73 -5.97
CA SER A 661 2.06 51.13 -4.96
C SER A 661 2.37 52.54 -4.44
N LYS A 662 3.66 52.79 -4.26
CA LYS A 662 4.21 54.10 -3.83
C LYS A 662 4.00 55.22 -4.88
N LYS A 663 4.11 54.89 -6.17
CA LYS A 663 3.79 55.85 -7.25
C LYS A 663 2.70 56.86 -6.85
N PRO A 672 8.59 51.33 -17.09
CA PRO A 672 7.93 50.06 -16.80
C PRO A 672 8.84 49.05 -16.08
N GLU A 673 9.66 49.54 -15.14
CA GLU A 673 10.70 48.74 -14.48
C GLU A 673 10.23 47.36 -14.06
N GLN A 674 9.01 47.28 -13.51
CA GLN A 674 8.44 46.02 -13.03
C GLN A 674 8.02 45.07 -14.15
N ARG A 675 7.21 45.53 -15.10
CA ARG A 675 6.82 44.66 -16.21
C ARG A 675 8.00 44.23 -17.06
N HIS A 676 8.88 45.19 -17.31
CA HIS A 676 10.14 44.94 -18.00
C HIS A 676 10.83 43.74 -17.38
N TYR A 677 11.18 43.89 -16.09
CA TYR A 677 11.88 42.88 -15.32
C TYR A 677 11.14 41.53 -15.25
N LYS A 678 9.83 41.54 -15.07
CA LYS A 678 9.08 40.29 -14.94
C LYS A 678 9.17 39.47 -16.19
N HIS A 679 9.26 40.10 -17.35
CA HIS A 679 9.35 39.31 -18.57
C HIS A 679 10.80 39.03 -19.02
N THR A 680 11.77 39.74 -18.43
CA THR A 680 13.18 39.30 -18.53
C THR A 680 13.27 37.96 -17.77
N LEU A 681 12.76 37.95 -16.54
CA LEU A 681 12.61 36.71 -15.77
C LEU A 681 11.79 35.68 -16.53
N GLN A 682 10.81 36.15 -17.30
CA GLN A 682 10.04 35.29 -18.19
C GLN A 682 10.89 34.61 -19.29
N SER A 683 11.97 35.27 -19.71
CA SER A 683 12.99 34.62 -20.54
C SER A 683 13.88 33.59 -19.77
N TYR A 684 14.09 33.80 -18.46
CA TYR A 684 14.72 32.78 -17.55
C TYR A 684 13.84 31.57 -17.24
N ASP A 685 12.51 31.75 -17.22
CA ASP A 685 11.58 30.64 -17.00
C ASP A 685 10.20 30.93 -17.59
N LYS A 686 9.75 30.08 -18.52
CA LYS A 686 8.49 30.32 -19.22
C LYS A 686 7.26 30.25 -18.31
N HIS A 687 7.31 29.42 -17.28
CA HIS A 687 6.12 29.15 -16.46
C HIS A 687 6.23 29.67 -15.01
N ASP A 688 6.95 30.79 -14.79
CA ASP A 688 7.06 31.32 -13.43
C ASP A 688 5.77 31.98 -12.99
N ARG A 689 4.82 31.16 -12.51
CA ARG A 689 3.50 31.62 -12.09
C ARG A 689 3.52 32.96 -11.34
N TYR A 690 4.43 33.11 -10.40
CA TYR A 690 4.58 34.36 -9.65
C TYR A 690 4.65 35.54 -10.62
N ALA A 691 5.56 35.46 -11.58
CA ALA A 691 5.75 36.58 -12.52
C ALA A 691 4.51 36.83 -13.40
N LEU A 692 3.83 35.77 -13.81
CA LEU A 692 2.63 35.88 -14.65
C LEU A 692 1.49 36.62 -13.96
N VAL A 693 1.18 36.21 -12.74
CA VAL A 693 0.16 36.89 -11.93
C VAL A 693 0.66 38.30 -11.60
N GLY A 694 1.97 38.45 -11.55
CA GLY A 694 2.58 39.77 -11.43
C GLY A 694 2.28 40.65 -12.61
N MET A 695 2.08 40.02 -13.77
CA MET A 695 1.80 40.72 -15.01
C MET A 695 0.33 41.08 -15.13
N GLY A 696 -0.53 40.11 -14.87
CA GLY A 696 -1.97 40.30 -14.85
C GLY A 696 -2.34 41.43 -13.93
N ASN A 697 -1.65 41.49 -12.78
CA ASN A 697 -1.78 42.58 -11.79
C ASN A 697 -1.38 43.94 -12.31
N LEU A 698 -0.21 43.99 -12.95
CA LEU A 698 0.34 45.24 -13.44
C LEU A 698 -0.51 45.80 -14.57
N HIS A 699 -0.81 44.94 -15.54
CA HIS A 699 -1.69 45.28 -16.63
C HIS A 699 -2.94 45.88 -16.03
N LEU A 700 -3.61 45.08 -15.21
CA LEU A 700 -4.90 45.43 -14.58
C LEU A 700 -4.92 46.81 -13.94
N MET A 701 -3.84 47.14 -13.24
CA MET A 701 -3.77 48.41 -12.56
C MET A 701 -3.55 49.51 -13.57
N ALA A 702 -2.63 49.30 -14.49
CA ALA A 702 -2.32 50.31 -15.52
C ALA A 702 -3.51 50.58 -16.43
N ALA A 703 -4.41 49.60 -16.52
CA ALA A 703 -5.50 49.64 -17.49
C ALA A 703 -6.86 50.12 -16.97
N ARG A 704 -7.08 50.21 -15.66
CA ARG A 704 -8.31 50.86 -15.18
C ARG A 704 -8.23 52.38 -15.32
N GLU A 705 -7.02 52.92 -15.26
CA GLU A 705 -6.79 54.35 -15.40
C GLU A 705 -6.62 54.81 -16.84
N MET A 706 -6.55 53.87 -17.77
CA MET A 706 -6.48 54.23 -19.17
C MET A 706 -7.67 55.11 -19.57
N ARG A 707 -7.35 56.25 -20.16
CA ARG A 707 -8.30 57.16 -20.77
C ARG A 707 -9.29 56.34 -21.58
N ARG A 708 -10.54 56.34 -21.13
CA ARG A 708 -11.62 55.67 -21.86
C ARG A 708 -12.00 56.54 -23.05
N GLU A 709 -12.07 57.86 -22.83
CA GLU A 709 -12.50 58.78 -23.87
C GLU A 709 -13.86 58.26 -24.28
N THR A 710 -14.01 57.89 -25.54
CA THR A 710 -15.03 56.95 -25.89
C THR A 710 -14.64 56.34 -27.22
N GLU A 711 -15.32 55.27 -27.58
CA GLU A 711 -15.11 54.64 -28.88
C GLU A 711 -13.70 54.10 -28.96
N GLN A 712 -12.93 54.52 -29.96
CA GLN A 712 -11.67 53.86 -30.27
C GLN A 712 -10.80 53.79 -29.02
N ASP A 713 -10.76 54.91 -28.30
CA ASP A 713 -9.91 55.00 -27.13
C ASP A 713 -10.37 54.00 -26.08
N ARG A 714 -11.69 53.93 -25.92
CA ARG A 714 -12.35 53.00 -24.99
C ARG A 714 -12.01 51.52 -25.29
N GLN A 715 -11.96 51.15 -26.56
CA GLN A 715 -11.63 49.78 -26.97
C GLN A 715 -10.22 49.39 -26.55
N LYS A 716 -9.31 50.34 -26.72
CA LYS A 716 -7.87 50.11 -26.58
C LYS A 716 -7.49 49.43 -25.26
N ARG A 717 -8.13 49.88 -24.18
CA ARG A 717 -7.83 49.36 -22.85
C ARG A 717 -8.54 48.02 -22.58
N SER A 718 -9.68 47.80 -23.22
CA SER A 718 -10.30 46.48 -23.16
C SER A 718 -9.43 45.40 -23.85
N ALA A 719 -8.55 45.82 -24.75
CA ALA A 719 -7.47 44.96 -25.25
C ALA A 719 -6.41 44.74 -24.16
N ALA A 720 -6.09 45.81 -23.42
CA ALA A 720 -5.14 45.74 -22.28
C ALA A 720 -5.59 44.78 -21.20
N TYR A 721 -6.89 44.75 -20.92
CA TYR A 721 -7.45 43.75 -19.99
C TYR A 721 -7.32 42.35 -20.56
N ASN A 722 -7.53 42.22 -21.86
CA ASN A 722 -7.36 40.94 -22.52
C ASN A 722 -5.97 40.36 -22.23
N ARG A 723 -4.94 41.19 -22.36
CA ARG A 723 -3.56 40.76 -22.08
C ARG A 723 -3.36 40.32 -20.65
N ALA A 724 -3.93 41.07 -19.71
CA ALA A 724 -3.91 40.71 -18.30
C ALA A 724 -4.50 39.31 -18.14
N VAL A 725 -5.62 39.06 -18.78
CA VAL A 725 -6.26 37.75 -18.69
C VAL A 725 -5.42 36.67 -19.39
N GLU A 726 -4.71 37.05 -20.46
CA GLU A 726 -3.72 36.16 -21.11
C GLU A 726 -2.82 35.56 -20.04
N PHE A 727 -2.15 36.43 -19.29
CA PHE A 727 -1.20 36.02 -18.25
C PHE A 727 -1.90 35.29 -17.08
N PHE A 728 -3.03 35.79 -16.63
CA PHE A 728 -3.75 35.13 -15.56
C PHE A 728 -4.12 33.70 -15.90
N ASP A 729 -4.51 33.45 -17.14
CA ASP A 729 -5.05 32.13 -17.49
C ASP A 729 -3.90 31.12 -17.67
N LYS A 730 -2.85 31.50 -18.38
CA LYS A 730 -1.69 30.60 -18.53
C LYS A 730 -1.19 30.17 -17.15
N ALA A 731 -0.95 31.16 -16.28
CA ALA A 731 -0.55 30.93 -14.89
C ALA A 731 -1.49 29.93 -14.19
N LEU A 732 -2.79 30.17 -14.31
CA LEU A 732 -3.82 29.38 -13.62
C LEU A 732 -4.08 28.02 -14.28
N GLN A 733 -3.67 27.89 -15.54
CA GLN A 733 -3.74 26.60 -16.20
C GLN A 733 -2.61 25.66 -15.75
N LEU A 734 -1.44 26.24 -15.46
CA LEU A 734 -0.33 25.47 -14.94
C LEU A 734 -0.66 25.06 -13.51
N ASP A 735 -1.42 25.89 -12.81
CA ASP A 735 -1.67 25.68 -11.40
C ASP A 735 -3.12 26.04 -11.03
N PRO A 736 -4.07 25.16 -11.35
CA PRO A 736 -5.46 25.39 -11.03
C PRO A 736 -5.73 25.77 -9.57
N LYS A 737 -4.75 25.59 -8.70
CA LYS A 737 -4.92 25.90 -7.27
C LYS A 737 -4.58 27.36 -6.96
N ASN A 738 -4.05 28.07 -7.96
CA ASN A 738 -3.65 29.46 -7.86
C ASN A 738 -4.82 30.44 -7.67
N ALA A 739 -4.89 31.01 -6.47
CA ALA A 739 -6.00 31.86 -6.11
C ALA A 739 -5.83 33.30 -6.62
N TYR A 740 -4.59 33.75 -6.71
CA TYR A 740 -4.27 35.12 -7.11
C TYR A 740 -4.60 35.39 -8.56
N ALA A 741 -4.34 34.39 -9.39
CA ALA A 741 -4.65 34.48 -10.82
C ALA A 741 -6.15 34.49 -11.07
N ALA A 742 -6.86 33.61 -10.37
CA ALA A 742 -8.31 33.54 -10.42
C ALA A 742 -8.93 34.84 -9.93
N GLN A 743 -8.44 35.34 -8.81
CA GLN A 743 -8.95 36.62 -8.28
C GLN A 743 -8.68 37.77 -9.24
N GLY A 744 -7.56 37.74 -9.94
CA GLY A 744 -7.27 38.75 -10.95
C GLY A 744 -8.20 38.68 -12.15
N ILE A 745 -8.69 37.48 -12.43
CA ILE A 745 -9.70 37.27 -13.46
C ILE A 745 -11.05 37.80 -12.97
N ALA A 746 -11.34 37.69 -11.69
CA ALA A 746 -12.57 38.27 -11.13
C ALA A 746 -12.57 39.80 -11.21
N ILE A 747 -11.40 40.40 -11.01
CA ILE A 747 -11.23 41.84 -11.11
C ILE A 747 -11.39 42.22 -12.56
N ALA A 748 -10.81 41.41 -13.44
CA ALA A 748 -10.99 41.65 -14.86
C ALA A 748 -12.49 41.58 -15.14
N LEU A 749 -13.13 40.60 -14.53
CA LEU A 749 -14.55 40.42 -14.77
C LEU A 749 -15.26 41.71 -14.44
N VAL A 750 -15.13 42.14 -13.19
CA VAL A 750 -15.95 43.22 -12.70
C VAL A 750 -15.75 44.50 -13.52
N GLU A 751 -14.52 44.79 -13.88
CA GLU A 751 -14.20 46.06 -14.50
C GLU A 751 -14.51 46.05 -15.99
N ASP A 752 -14.10 45.01 -16.71
CA ASP A 752 -14.32 44.99 -18.16
C ASP A 752 -15.73 44.61 -18.51
N ARG A 753 -16.28 43.59 -17.87
CA ARG A 753 -17.70 43.25 -18.05
C ARG A 753 -18.36 43.10 -16.73
N LYS A 754 -19.26 44.01 -16.43
CA LYS A 754 -19.68 44.19 -15.05
C LYS A 754 -20.41 42.94 -14.62
N ASP A 755 -19.66 41.85 -14.51
CA ASP A 755 -20.20 40.57 -14.12
C ASP A 755 -19.83 40.36 -12.68
N TYR A 756 -20.66 40.89 -11.80
CA TYR A 756 -20.38 40.88 -10.37
C TYR A 756 -20.72 39.50 -9.83
N LYS A 757 -21.87 39.00 -10.27
CA LYS A 757 -22.43 37.75 -9.80
C LYS A 757 -21.42 36.58 -9.75
N ASN A 758 -20.75 36.29 -10.85
CA ASN A 758 -19.79 35.17 -10.85
C ASN A 758 -18.41 35.62 -10.38
N ALA A 759 -18.05 36.86 -10.68
CA ALA A 759 -16.80 37.37 -10.15
C ALA A 759 -16.85 37.16 -8.65
N LEU A 760 -18.04 37.37 -8.09
CA LEU A 760 -18.27 37.08 -6.68
C LEU A 760 -18.08 35.60 -6.27
N GLN A 761 -18.38 34.67 -7.16
CA GLN A 761 -18.09 33.25 -6.91
C GLN A 761 -16.60 33.05 -6.67
N ILE A 762 -15.81 33.51 -7.63
CA ILE A 762 -14.35 33.46 -7.55
C ILE A 762 -13.93 34.01 -6.21
N PHE A 763 -14.36 35.25 -5.95
CA PHE A 763 -14.09 35.91 -4.69
C PHE A 763 -14.41 35.07 -3.45
N ILE A 764 -15.48 34.29 -3.45
CA ILE A 764 -15.90 33.62 -2.20
C ILE A 764 -14.95 32.51 -1.81
N LYS A 765 -14.49 31.79 -2.82
CA LYS A 765 -13.63 30.65 -2.56
C LYS A 765 -12.15 30.99 -2.63
N VAL A 766 -11.80 32.09 -3.29
CA VAL A 766 -10.48 32.68 -3.03
C VAL A 766 -10.41 33.22 -1.59
N ARG A 767 -11.48 33.86 -1.12
CA ARG A 767 -11.55 34.38 0.28
C ARG A 767 -11.24 33.34 1.37
N GLU A 768 -11.66 32.10 1.18
CA GLU A 768 -11.36 31.07 2.17
C GLU A 768 -9.92 30.57 2.06
N THR A 769 -9.27 30.80 0.92
CA THR A 769 -7.86 30.41 0.72
C THR A 769 -6.80 31.51 0.89
N ILE A 770 -7.18 32.78 0.89
CA ILE A 770 -6.17 33.86 0.89
C ILE A 770 -6.06 34.61 2.22
N GLN A 771 -7.17 35.19 2.69
CA GLN A 771 -7.19 35.92 4.00
C GLN A 771 -6.46 37.27 4.05
N ASP A 772 -5.98 37.77 2.92
CA ASP A 772 -5.31 39.06 2.87
C ASP A 772 -6.38 40.11 3.00
N ALA A 773 -5.99 41.31 3.44
CA ALA A 773 -6.94 42.41 3.59
C ALA A 773 -7.60 42.74 2.26
N HIS A 774 -6.78 42.87 1.23
CA HIS A 774 -7.25 43.27 -0.08
C HIS A 774 -8.37 42.39 -0.66
N VAL A 775 -8.34 41.11 -0.31
CA VAL A 775 -9.44 40.19 -0.68
C VAL A 775 -10.74 40.72 -0.10
N TYR A 776 -10.73 41.02 1.19
CA TYR A 776 -11.93 41.50 1.87
C TYR A 776 -12.37 42.88 1.36
N VAL A 777 -11.40 43.71 1.00
CA VAL A 777 -11.70 45.02 0.44
C VAL A 777 -12.44 44.83 -0.87
N ASN A 778 -11.86 44.02 -1.75
CA ASN A 778 -12.45 43.72 -3.05
C ASN A 778 -13.83 43.10 -2.95
N MET A 779 -14.02 42.29 -1.91
CA MET A 779 -15.31 41.70 -1.60
C MET A 779 -16.32 42.77 -1.20
N GLY A 780 -15.95 43.57 -0.20
CA GLY A 780 -16.75 44.75 0.19
C GLY A 780 -17.15 45.62 -0.99
N HIS A 781 -16.27 45.78 -1.97
CA HIS A 781 -16.56 46.54 -3.19
C HIS A 781 -17.69 45.92 -4.03
N ILE A 782 -17.62 44.61 -4.22
CA ILE A 782 -18.67 43.90 -4.93
C ILE A 782 -19.99 43.99 -4.17
N TYR A 783 -19.97 43.73 -2.87
CA TYR A 783 -21.21 43.69 -2.09
C TYR A 783 -21.85 45.07 -1.97
N ALA A 784 -21.02 46.10 -2.00
CA ALA A 784 -21.49 47.46 -2.06
C ALA A 784 -22.29 47.70 -3.35
N GLU A 785 -21.81 47.16 -4.46
CA GLU A 785 -22.51 47.25 -5.73
C GLU A 785 -23.83 46.48 -5.73
N LEU A 786 -23.81 45.30 -5.11
CA LEU A 786 -24.95 44.38 -5.12
C LEU A 786 -25.98 44.71 -4.05
N ARG A 787 -25.94 45.92 -3.53
CA ARG A 787 -26.89 46.36 -2.51
C ARG A 787 -26.85 45.53 -1.24
N GLN A 788 -25.97 44.52 -1.18
CA GLN A 788 -25.87 43.65 -0.02
C GLN A 788 -24.95 44.35 0.96
N PHE A 789 -25.54 45.29 1.68
CA PHE A 789 -24.77 46.23 2.46
C PHE A 789 -24.23 45.59 3.72
N SER A 790 -25.06 44.92 4.48
CA SER A 790 -24.59 44.36 5.73
C SER A 790 -23.35 43.53 5.47
N LYS A 791 -23.43 42.62 4.51
CA LYS A 791 -22.31 41.72 4.20
C LYS A 791 -21.06 42.45 3.63
N ALA A 792 -21.27 43.56 2.94
CA ALA A 792 -20.18 44.48 2.55
C ALA A 792 -19.59 45.19 3.78
N ILE A 793 -20.44 45.46 4.76
CA ILE A 793 -19.97 46.09 5.98
C ILE A 793 -18.92 45.18 6.62
N GLU A 794 -19.30 44.00 7.08
CA GLU A 794 -18.36 43.19 7.87
C GLU A 794 -17.27 42.53 7.02
N SER A 795 -17.37 42.57 5.70
CA SER A 795 -16.22 42.30 4.86
C SER A 795 -15.21 43.40 5.17
N TYR A 796 -15.62 44.64 4.93
CA TYR A 796 -14.77 45.80 5.22
C TYR A 796 -14.26 45.78 6.66
N GLU A 797 -15.13 45.47 7.61
CA GLU A 797 -14.76 45.48 9.01
C GLU A 797 -13.63 44.50 9.23
N ILE A 798 -13.79 43.29 8.69
CA ILE A 798 -12.77 42.27 8.83
C ILE A 798 -11.45 42.75 8.22
N ALA A 799 -11.53 43.40 7.05
CA ALA A 799 -10.35 44.00 6.43
C ALA A 799 -9.65 44.97 7.40
N LEU A 800 -10.42 45.80 8.09
CA LEU A 800 -9.83 46.78 9.01
C LEU A 800 -9.23 46.12 10.23
N SER A 801 -9.77 44.97 10.63
CA SER A 801 -9.27 44.26 11.79
C SER A 801 -7.82 43.87 11.58
N LYS A 802 -7.53 43.58 10.33
CA LYS A 802 -6.32 42.89 9.91
C LYS A 802 -5.06 43.71 9.97
N GLU A 803 -3.97 43.03 10.32
CA GLU A 803 -2.72 43.67 10.62
C GLU A 803 -2.17 44.24 9.36
N GLY A 804 -1.28 45.19 9.51
CA GLY A 804 -1.11 46.21 8.54
C GLY A 804 -2.15 47.15 9.10
N LYS A 805 -2.36 48.28 8.47
CA LYS A 805 -3.18 49.27 9.12
C LYS A 805 -4.61 48.80 9.30
N ALA A 806 -5.06 48.89 10.55
CA ALA A 806 -6.47 48.88 10.86
C ALA A 806 -7.06 50.14 10.32
N ASN A 807 -6.36 51.24 10.52
CA ASN A 807 -6.93 52.54 10.15
C ASN A 807 -6.61 52.99 8.71
N ASP A 808 -6.95 52.15 7.74
CA ASP A 808 -6.75 52.50 6.34
C ASP A 808 -7.84 53.52 6.00
N ALA A 809 -7.45 54.75 5.72
CA ALA A 809 -8.40 55.80 5.37
C ALA A 809 -9.36 55.43 4.24
N GLY A 810 -8.84 55.01 3.08
CA GLY A 810 -9.62 54.63 1.91
C GLY A 810 -10.63 53.52 2.14
N ILE A 811 -10.33 52.62 3.07
CA ILE A 811 -11.25 51.54 3.46
C ILE A 811 -12.32 52.04 4.40
N ILE A 812 -11.91 52.91 5.32
CA ILE A 812 -12.82 53.58 6.23
C ILE A 812 -13.82 54.42 5.43
N SER A 813 -13.32 55.15 4.44
CA SER A 813 -14.21 55.91 3.57
C SER A 813 -15.27 54.98 2.98
N CYS A 814 -14.79 53.99 2.23
CA CYS A 814 -15.64 53.04 1.55
C CYS A 814 -16.66 52.43 2.51
N LEU A 815 -16.21 52.12 3.71
CA LEU A 815 -17.10 51.58 4.70
C LEU A 815 -18.15 52.61 5.11
N GLY A 816 -17.77 53.88 5.13
CA GLY A 816 -18.67 54.95 5.58
C GLY A 816 -19.84 55.14 4.64
N ARG A 817 -19.50 55.33 3.37
CA ARG A 817 -20.47 55.34 2.28
C ARG A 817 -21.38 54.09 2.25
N THR A 818 -20.83 52.92 2.49
CA THR A 818 -21.63 51.71 2.51
C THR A 818 -22.67 51.84 3.61
N TRP A 819 -22.23 52.15 4.81
CA TRP A 819 -23.16 52.47 5.89
C TRP A 819 -24.19 53.52 5.46
N LEU A 820 -23.73 54.58 4.80
CA LEU A 820 -24.62 55.66 4.37
C LEU A 820 -25.69 55.15 3.44
N ASN A 821 -25.30 54.42 2.41
CA ASN A 821 -26.29 53.79 1.50
C ASN A 821 -27.26 52.83 2.20
N LYS A 822 -26.77 52.10 3.20
CA LYS A 822 -27.64 51.28 4.03
C LYS A 822 -28.64 52.14 4.78
N GLY A 823 -28.25 53.33 5.21
CA GLY A 823 -29.16 54.26 5.89
C GLY A 823 -30.21 54.84 4.97
N ARG A 824 -29.84 55.09 3.73
CA ARG A 824 -30.78 55.58 2.74
C ARG A 824 -31.79 54.51 2.44
N ALA A 825 -31.29 53.32 2.16
CA ALA A 825 -32.14 52.22 1.79
C ALA A 825 -33.16 51.96 2.88
N GLU A 826 -32.69 51.82 4.11
CA GLU A 826 -33.52 51.26 5.17
C GLU A 826 -34.15 52.31 6.05
N ARG A 827 -33.97 53.58 5.72
CA ARG A 827 -34.54 54.63 6.53
C ARG A 827 -34.03 54.52 7.96
N ASN A 828 -32.75 54.19 8.10
CA ASN A 828 -32.19 53.86 9.40
C ASN A 828 -31.24 54.96 9.86
N LEU A 829 -31.56 55.61 10.98
CA LEU A 829 -30.66 56.61 11.55
C LEU A 829 -29.31 55.96 11.90
N ASP A 830 -29.38 54.90 12.67
CA ASP A 830 -28.15 54.30 13.19
C ASP A 830 -27.15 54.05 12.09
N ALA A 831 -27.62 53.80 10.87
CA ALA A 831 -26.76 53.62 9.70
C ALA A 831 -26.12 54.91 9.22
N TYR A 832 -26.84 56.02 9.36
CA TYR A 832 -26.26 57.33 9.09
C TYR A 832 -25.27 57.68 10.21
N LYS A 833 -25.65 57.35 11.45
CA LYS A 833 -24.76 57.48 12.62
C LYS A 833 -23.40 56.82 12.33
N MET A 834 -23.45 55.55 11.90
CA MET A 834 -22.24 54.79 11.63
C MET A 834 -21.46 55.44 10.50
N ALA A 835 -22.18 55.83 9.44
CA ALA A 835 -21.56 56.49 8.28
C ALA A 835 -20.82 57.76 8.66
N LEU A 836 -21.34 58.47 9.66
CA LEU A 836 -20.69 59.69 10.12
C LEU A 836 -19.48 59.32 10.97
N ASP A 837 -19.72 58.42 11.92
CA ASP A 837 -18.64 57.90 12.77
C ASP A 837 -17.45 57.51 11.90
N GLN A 838 -17.70 56.64 10.94
CA GLN A 838 -16.66 56.26 10.00
C GLN A 838 -16.06 57.46 9.31
N ALA A 839 -16.88 58.41 8.89
CA ALA A 839 -16.35 59.54 8.16
C ALA A 839 -15.46 60.36 9.05
N LYS A 840 -15.78 60.37 10.35
CA LYS A 840 -14.98 61.05 11.35
C LYS A 840 -13.72 60.26 11.73
N LYS A 841 -13.78 58.94 11.69
CA LYS A 841 -12.58 58.16 11.91
C LYS A 841 -11.54 58.46 10.84
N ALA A 842 -12.00 58.58 9.61
CA ALA A 842 -11.12 58.85 8.50
C ALA A 842 -10.51 60.22 8.66
N VAL A 843 -11.29 61.15 9.17
CA VAL A 843 -10.81 62.55 9.23
C VAL A 843 -9.74 62.63 10.30
N ALA A 844 -9.90 61.83 11.34
CA ALA A 844 -8.95 61.76 12.44
C ALA A 844 -7.60 61.35 11.87
N VAL A 845 -7.62 60.30 11.05
CA VAL A 845 -6.40 59.76 10.44
C VAL A 845 -5.74 60.77 9.49
N ALA A 846 -6.49 61.40 8.60
CA ALA A 846 -5.92 62.34 7.63
C ALA A 846 -6.63 63.69 7.70
N PRO A 847 -6.44 64.43 8.81
CA PRO A 847 -7.19 65.68 9.04
C PRO A 847 -6.89 66.78 8.03
N ASP A 848 -5.77 66.64 7.33
CA ASP A 848 -5.43 67.51 6.21
C ASP A 848 -6.42 67.36 5.05
N GLN A 849 -6.87 66.13 4.82
CA GLN A 849 -7.49 65.75 3.55
C GLN A 849 -8.84 66.37 3.26
N LEU A 850 -8.91 67.02 2.10
CA LEU A 850 -10.05 67.86 1.79
C LEU A 850 -11.34 67.10 1.76
N HIS A 851 -11.33 65.99 1.04
CA HIS A 851 -12.55 65.24 0.81
C HIS A 851 -13.04 64.63 2.09
N PHE A 852 -12.14 64.17 2.95
CA PHE A 852 -12.61 63.38 4.09
C PHE A 852 -13.47 64.28 4.94
N LYS A 853 -13.07 65.55 4.98
CA LYS A 853 -13.83 66.62 5.61
C LYS A 853 -15.18 66.84 4.92
N PHE A 854 -15.16 66.96 3.60
CA PHE A 854 -16.42 66.99 2.84
C PHE A 854 -17.34 65.85 3.23
N ASN A 855 -16.81 64.64 3.37
CA ASN A 855 -17.66 63.52 3.72
C ASN A 855 -18.35 63.65 5.07
N VAL A 856 -17.64 64.06 6.12
CA VAL A 856 -18.30 64.19 7.43
C VAL A 856 -19.39 65.22 7.29
N ALA A 857 -19.10 66.26 6.53
CA ALA A 857 -20.05 67.33 6.29
C ALA A 857 -21.31 66.84 5.57
N PHE A 858 -21.12 66.27 4.36
CA PHE A 858 -22.20 65.65 3.57
C PHE A 858 -23.06 64.75 4.46
N VAL A 859 -22.46 63.76 5.09
CA VAL A 859 -23.23 62.87 5.93
C VAL A 859 -24.05 63.68 6.96
N GLN A 860 -23.48 64.71 7.55
CA GLN A 860 -24.20 65.46 8.60
C GLN A 860 -25.41 66.15 8.03
N ILE A 861 -25.25 66.68 6.83
CA ILE A 861 -26.35 67.30 6.10
C ILE A 861 -27.42 66.26 5.77
N GLN A 862 -27.02 65.05 5.43
CA GLN A 862 -28.00 64.00 5.15
C GLN A 862 -28.79 63.61 6.39
N ILE A 863 -28.11 63.46 7.51
CA ILE A 863 -28.77 63.12 8.77
C ILE A 863 -29.77 64.24 9.11
N ALA A 864 -29.35 65.47 8.92
CA ALA A 864 -30.22 66.61 9.08
C ALA A 864 -31.48 66.48 8.21
N LEU A 865 -31.28 66.13 6.96
CA LEU A 865 -32.37 65.97 6.00
C LEU A 865 -33.34 64.86 6.42
N VAL A 866 -32.83 63.69 6.67
CA VAL A 866 -33.69 62.54 6.93
C VAL A 866 -34.43 62.79 8.18
N LEU A 867 -33.73 63.28 9.20
CA LEU A 867 -34.38 63.67 10.45
C LEU A 867 -35.45 64.73 10.25
N HIS A 868 -35.23 65.70 9.38
CA HIS A 868 -36.31 66.62 9.01
C HIS A 868 -37.51 65.95 8.28
N SER A 869 -37.29 64.88 7.55
CA SER A 869 -38.37 64.23 6.83
C SER A 869 -39.23 63.35 7.75
N MET A 870 -38.70 62.91 8.89
CA MET A 870 -39.39 61.89 9.68
C MET A 870 -40.58 62.47 10.39
N ARG A 871 -41.49 61.61 10.81
CA ARG A 871 -42.66 62.03 11.59
C ARG A 871 -42.32 62.05 13.08
N GLU A 872 -42.93 62.95 13.83
CA GLU A 872 -42.65 63.07 15.27
C GLU A 872 -42.94 61.79 16.00
N SER A 873 -43.86 60.99 15.47
CA SER A 873 -44.24 59.72 16.06
C SER A 873 -43.01 58.81 16.17
N GLU A 874 -42.12 58.91 15.19
CA GLU A 874 -40.96 58.01 15.06
C GLU A 874 -39.62 58.69 15.30
N ARG A 875 -39.65 59.85 15.93
CA ARG A 875 -38.47 60.70 16.07
C ARG A 875 -38.32 61.15 17.51
N ASN A 876 -37.12 61.59 17.85
CA ASN A 876 -36.82 62.08 19.20
C ASN A 876 -36.19 63.49 19.20
N SER A 877 -36.43 64.22 20.27
CA SER A 877 -35.92 65.58 20.42
C SER A 877 -34.41 65.67 20.59
N PHE A 878 -33.84 64.65 21.26
CA PHE A 878 -32.37 64.47 21.41
C PHE A 878 -31.70 64.39 20.05
N GLN A 879 -32.25 63.52 19.21
CA GLN A 879 -31.75 63.28 17.87
C GLN A 879 -31.67 64.63 17.13
N LEU A 880 -32.72 65.43 17.28
CA LEU A 880 -32.84 66.71 16.59
C LEU A 880 -31.80 67.73 17.01
N GLU A 881 -31.42 67.66 18.29
CA GLU A 881 -30.37 68.55 18.84
C GLU A 881 -29.05 68.16 18.24
N GLU A 882 -28.73 66.87 18.30
CA GLU A 882 -27.44 66.40 17.80
C GLU A 882 -27.33 66.66 16.30
N ALA A 883 -28.44 66.49 15.59
CA ALA A 883 -28.50 66.77 14.15
C ALA A 883 -28.19 68.22 13.85
N ALA A 884 -28.73 69.12 14.68
CA ALA A 884 -28.50 70.56 14.56
C ALA A 884 -27.04 70.92 14.82
N GLU A 885 -26.49 70.30 15.86
CA GLU A 885 -25.09 70.43 16.21
C GLU A 885 -24.23 70.02 15.05
N GLY A 886 -24.41 68.78 14.59
CA GLY A 886 -23.72 68.25 13.41
C GLY A 886 -23.86 69.18 12.20
N LEU A 887 -25.05 69.73 12.00
CA LEU A 887 -25.27 70.63 10.89
C LEU A 887 -24.43 71.87 11.01
N GLU A 888 -24.25 72.38 12.22
CA GLU A 888 -23.43 73.57 12.39
C GLU A 888 -22.03 73.20 11.98
N GLU A 889 -21.56 72.09 12.51
CA GLU A 889 -20.21 71.63 12.23
C GLU A 889 -20.04 71.65 10.72
N ALA A 890 -20.99 71.02 10.03
CA ALA A 890 -20.96 70.87 8.57
C ALA A 890 -20.83 72.20 7.87
N ILE A 891 -21.68 73.16 8.21
CA ILE A 891 -21.61 74.49 7.58
C ILE A 891 -20.18 75.06 7.69
N LYS A 892 -19.54 74.87 8.85
CA LYS A 892 -18.17 75.37 9.08
C LYS A 892 -17.20 74.74 8.10
N ILE A 893 -17.25 73.41 8.04
CA ILE A 893 -16.32 72.64 7.22
C ILE A 893 -16.49 73.00 5.74
N LEU A 894 -17.72 73.00 5.27
CA LEU A 894 -18.00 73.40 3.89
C LEU A 894 -17.48 74.79 3.59
N ASP A 895 -17.64 75.70 4.54
CA ASP A 895 -17.29 77.10 4.32
C ASP A 895 -15.79 77.20 4.15
N GLU A 896 -15.04 76.53 5.03
CA GLU A 896 -13.58 76.50 4.88
C GLU A 896 -13.14 75.94 3.53
N ILE A 897 -13.78 74.87 3.10
CA ILE A 897 -13.48 74.22 1.82
C ILE A 897 -13.67 75.17 0.64
N ALA A 898 -14.70 76.00 0.72
CA ALA A 898 -14.96 77.03 -0.29
C ALA A 898 -13.72 77.89 -0.51
N ALA A 899 -13.15 78.35 0.61
CA ALA A 899 -11.93 79.17 0.61
C ALA A 899 -10.69 78.39 0.20
N SER A 900 -10.71 77.09 0.46
CA SER A 900 -9.57 76.22 0.18
C SER A 900 -9.33 76.05 -1.32
N PRO A 901 -8.06 76.05 -1.71
CA PRO A 901 -7.70 75.76 -3.11
C PRO A 901 -7.77 74.26 -3.37
N SER A 902 -8.01 73.90 -4.64
CA SER A 902 -8.12 72.49 -5.06
C SER A 902 -9.28 71.74 -4.38
N PRO A 903 -10.51 72.26 -4.52
CA PRO A 903 -11.64 71.63 -3.87
C PRO A 903 -12.12 70.39 -4.64
N PRO A 904 -12.69 69.39 -3.92
CA PRO A 904 -13.11 68.13 -4.54
C PRO A 904 -14.16 68.33 -5.62
N TYR A 905 -15.08 69.24 -5.36
CA TYR A 905 -16.01 69.72 -6.37
C TYR A 905 -15.75 71.22 -6.56
N PRO A 906 -16.31 71.84 -7.61
CA PRO A 906 -16.19 73.30 -7.80
C PRO A 906 -16.64 74.09 -6.59
N ARG A 907 -15.89 75.12 -6.20
CA ARG A 907 -16.15 75.82 -4.94
C ARG A 907 -17.57 76.42 -4.87
N HIS A 908 -18.08 76.88 -6.01
CA HIS A 908 -19.41 77.50 -6.07
C HIS A 908 -20.52 76.49 -5.71
N ASP A 909 -20.37 75.24 -6.16
CA ASP A 909 -21.27 74.15 -5.80
C ASP A 909 -21.20 73.85 -4.31
N ILE A 910 -20.02 74.05 -3.71
CA ILE A 910 -19.83 73.84 -2.26
C ILE A 910 -20.56 74.93 -1.49
N GLU A 911 -20.42 76.17 -1.94
CA GLU A 911 -21.17 77.27 -1.31
C GLU A 911 -22.67 77.04 -1.44
N GLN A 912 -23.12 76.57 -2.60
CA GLN A 912 -24.52 76.22 -2.80
C GLN A 912 -25.03 75.22 -1.77
N ARG A 913 -24.19 74.25 -1.44
CA ARG A 913 -24.48 73.30 -0.34
C ARG A 913 -24.58 73.99 1.01
N ALA A 914 -23.73 74.98 1.23
CA ALA A 914 -23.73 75.73 2.48
C ALA A 914 -24.97 76.61 2.55
N ASN A 915 -25.32 77.26 1.46
CA ASN A 915 -26.53 78.08 1.43
C ASN A 915 -27.79 77.29 1.72
N MET A 916 -27.89 76.08 1.20
CA MET A 916 -29.02 75.25 1.56
C MET A 916 -28.92 74.83 3.03
N ALA A 917 -27.72 74.87 3.57
CA ALA A 917 -27.55 74.58 4.98
C ALA A 917 -28.08 75.70 5.89
N ARG A 918 -28.28 76.91 5.38
CA ARG A 918 -28.97 77.97 6.11
C ARG A 918 -30.47 77.74 6.31
N ASN A 919 -31.15 77.24 5.26
CA ASN A 919 -32.59 76.98 5.35
C ASN A 919 -32.87 75.58 5.96
N THR A 920 -31.92 74.66 5.92
CA THR A 920 -32.03 73.40 6.67
C THR A 920 -31.86 73.70 8.19
N GLN A 921 -31.00 74.67 8.50
CA GLN A 921 -30.84 75.19 9.86
C GLN A 921 -32.18 75.59 10.45
N ARG A 922 -33.01 76.27 9.65
CA ARG A 922 -34.29 76.78 10.10
C ARG A 922 -35.36 75.68 10.14
N LYS A 923 -35.35 74.80 9.15
CA LYS A 923 -36.19 73.57 9.15
C LYS A 923 -36.06 72.83 10.47
N GLN A 924 -34.81 72.64 10.87
CA GLN A 924 -34.48 71.95 12.10
C GLN A 924 -34.82 72.72 13.36
N LEU A 925 -34.66 74.03 13.32
CA LEU A 925 -35.10 74.87 14.44
C LEU A 925 -36.57 74.61 14.61
N GLU A 926 -37.31 74.89 13.55
CA GLU A 926 -38.76 74.82 13.59
C GLU A 926 -39.16 73.49 14.18
N ARG A 927 -38.74 72.44 13.52
CA ARG A 927 -39.27 71.14 13.88
C ARG A 927 -38.76 70.62 15.23
N ALA A 928 -37.66 71.17 15.72
CA ALA A 928 -37.22 70.84 17.07
C ALA A 928 -38.19 71.42 18.10
N LEU A 929 -38.65 72.64 17.86
CA LEU A 929 -39.70 73.25 18.68
C LEU A 929 -40.97 72.41 18.67
N ALA A 930 -41.40 72.02 17.48
CA ALA A 930 -42.59 71.24 17.31
C ALA A 930 -42.45 69.91 18.03
N SER A 931 -41.26 69.29 17.97
CA SER A 931 -41.05 67.94 18.54
C SER A 931 -41.08 67.92 20.06
N GLN A 932 -40.38 68.85 20.69
CA GLN A 932 -40.35 68.86 22.15
C GLN A 932 -41.63 69.43 22.75
N ARG A 933 -42.43 70.11 21.94
CA ARG A 933 -43.81 70.43 22.31
C ARG A 933 -44.67 69.14 22.31
N GLU A 934 -44.48 68.31 21.28
CA GLU A 934 -45.13 66.99 21.22
C GLU A 934 -44.77 66.11 22.43
N TYR A 935 -43.57 66.35 22.93
CA TYR A 935 -42.94 65.60 24.01
C TYR A 935 -43.40 66.10 25.41
N GLU A 936 -44.06 67.24 25.40
CA GLU A 936 -44.72 67.80 26.56
C GLU A 936 -44.79 66.85 27.77
N MET B 14 -23.55 69.40 -10.03
CA MET B 14 -23.91 70.10 -8.76
C MET B 14 -24.45 69.12 -7.74
N ILE B 15 -25.77 68.86 -7.79
CA ILE B 15 -26.44 68.07 -6.75
C ILE B 15 -26.10 66.61 -6.92
N HIS B 16 -25.16 66.32 -7.82
CA HIS B 16 -24.71 64.97 -7.97
C HIS B 16 -23.61 64.63 -6.99
N GLN B 17 -23.28 65.59 -6.12
CA GLN B 17 -22.39 65.34 -4.99
C GLN B 17 -22.85 64.20 -4.12
N ASP B 18 -21.88 63.48 -3.57
CA ASP B 18 -22.11 62.29 -2.76
C ASP B 18 -20.86 62.01 -1.95
N TYR B 19 -20.96 61.08 -1.02
CA TYR B 19 -19.80 60.56 -0.31
C TYR B 19 -18.68 60.28 -1.31
N ILE B 20 -17.47 60.66 -0.95
CA ILE B 20 -16.32 60.44 -1.82
C ILE B 20 -15.47 59.30 -1.26
N ALA B 21 -15.35 58.23 -2.05
CA ALA B 21 -14.53 57.10 -1.67
C ALA B 21 -14.03 56.43 -2.94
N ARG B 22 -12.83 56.79 -3.36
CA ARG B 22 -12.17 56.18 -4.52
C ARG B 22 -12.33 54.68 -4.38
N ILE B 23 -12.59 54.05 -5.50
CA ILE B 23 -12.95 52.64 -5.53
C ILE B 23 -11.98 51.88 -6.44
N ARG B 24 -11.06 51.13 -5.83
CA ARG B 24 -10.13 50.29 -6.59
C ARG B 24 -9.85 48.94 -5.97
N TYR B 25 -9.62 47.94 -6.83
CA TYR B 25 -9.37 46.55 -6.45
C TYR B 25 -7.89 46.20 -6.55
N SER B 26 -7.41 45.36 -5.66
CA SER B 26 -5.97 45.06 -5.61
C SER B 26 -5.72 43.58 -5.49
N ASN B 27 -4.68 43.11 -6.17
CA ASN B 27 -4.32 41.70 -6.14
C ASN B 27 -2.83 41.47 -5.78
N ALA B 28 -2.38 42.12 -4.72
CA ALA B 28 -0.95 42.16 -4.39
C ALA B 28 -0.51 40.78 -3.94
N LEU B 29 0.68 40.40 -4.36
CA LEU B 29 1.17 39.06 -4.13
C LEU B 29 1.97 38.98 -2.86
N PRO B 30 1.98 37.81 -2.21
CA PRO B 30 2.84 37.66 -1.04
C PRO B 30 4.30 37.62 -1.45
N PRO B 31 5.20 38.03 -0.55
CA PRO B 31 6.59 37.92 -0.87
C PRO B 31 6.97 36.46 -0.77
N PRO B 32 7.91 36.00 -1.59
CA PRO B 32 8.25 34.58 -1.56
C PRO B 32 8.59 34.12 -0.16
N PRO B 33 7.79 33.18 0.41
CA PRO B 33 7.95 32.79 1.80
C PRO B 33 9.28 32.13 2.04
N ILE B 34 9.74 31.33 1.07
CA ILE B 34 10.95 30.50 1.25
C ILE B 34 10.85 29.73 2.56
N PRO B 35 9.92 28.76 2.62
CA PRO B 35 9.76 28.00 3.85
C PRO B 35 11.00 27.16 4.23
N PRO B 36 10.94 26.45 5.35
CA PRO B 36 11.95 25.44 5.65
C PRO B 36 12.02 24.37 4.59
N LYS B 37 13.11 23.63 4.59
CA LYS B 37 13.41 22.68 3.52
C LYS B 37 13.42 21.29 4.06
N LEU B 38 12.72 20.38 3.38
CA LEU B 38 12.68 18.97 3.76
C LEU B 38 14.03 18.40 3.44
N LEU B 39 14.47 17.47 4.27
CA LEU B 39 15.70 16.72 4.04
C LEU B 39 15.40 15.26 3.75
N ASP B 40 16.30 14.63 3.01
CA ASP B 40 16.08 13.25 2.58
C ASP B 40 16.41 12.32 3.73
N ILE B 41 15.44 11.52 4.16
CA ILE B 41 15.64 10.57 5.26
C ILE B 41 16.12 9.19 4.76
N PRO B 42 17.34 8.78 5.11
CA PRO B 42 17.93 7.55 4.60
C PRO B 42 17.03 6.38 4.87
N ASN B 43 16.83 5.52 3.86
CA ASN B 43 15.85 4.44 3.93
C ASN B 43 16.35 3.17 3.23
N THR B 44 15.78 2.03 3.63
CA THR B 44 16.01 0.76 2.97
C THR B 44 15.18 0.65 1.68
N GLY B 45 15.87 0.77 0.55
CA GLY B 45 15.24 0.66 -0.75
C GLY B 45 15.01 -0.80 -1.10
N LEU B 46 14.50 -1.04 -2.30
CA LEU B 46 14.39 -2.40 -2.79
C LEU B 46 15.79 -2.88 -3.15
N ALA B 47 16.61 -1.95 -3.65
CA ALA B 47 18.03 -2.18 -3.98
C ALA B 47 18.85 -2.64 -2.77
N SER B 48 18.56 -2.08 -1.61
CA SER B 48 18.95 -2.69 -0.34
C SER B 48 18.16 -3.99 -0.17
N GLY B 49 18.86 -5.12 -0.12
CA GLY B 49 18.24 -6.44 -0.26
C GLY B 49 17.11 -6.89 0.66
N GLN B 50 16.82 -6.17 1.74
CA GLN B 50 15.94 -6.68 2.82
C GLN B 50 14.56 -7.20 2.33
N TYR B 51 13.94 -6.49 1.41
CA TYR B 51 12.61 -6.84 0.95
C TYR B 51 12.63 -7.94 -0.11
N THR B 52 13.78 -8.16 -0.72
CA THR B 52 13.97 -9.17 -1.78
C THR B 52 14.67 -10.43 -1.27
N ALA B 53 15.10 -10.42 -0.01
CA ALA B 53 15.78 -11.57 0.60
C ALA B 53 14.74 -12.64 0.90
N PRO B 54 15.12 -13.91 0.72
CA PRO B 54 14.24 -15.03 1.09
C PRO B 54 13.67 -14.84 2.48
N GLY B 55 14.55 -14.51 3.42
CA GLY B 55 14.17 -14.32 4.83
C GLY B 55 12.84 -13.66 5.03
N PHE B 56 12.56 -12.64 4.23
CA PHE B 56 11.37 -11.82 4.45
C PHE B 56 10.11 -12.64 4.20
N ALA B 57 10.27 -13.69 3.42
CA ALA B 57 9.19 -14.59 3.03
C ALA B 57 9.12 -15.85 3.91
N SER B 58 10.09 -16.04 4.79
CA SER B 58 10.15 -17.26 5.59
C SER B 58 8.93 -17.39 6.54
N ARG B 59 8.51 -16.30 7.16
CA ARG B 59 7.30 -16.35 7.94
C ARG B 59 6.12 -16.78 7.05
N LEU B 60 5.97 -16.12 5.92
CA LEU B 60 4.87 -16.38 4.98
C LEU B 60 4.89 -17.82 4.50
N ALA B 61 6.09 -18.39 4.41
CA ALA B 61 6.27 -19.76 3.98
C ALA B 61 5.86 -20.76 5.03
N ARG B 62 6.02 -20.40 6.31
CA ARG B 62 5.77 -21.30 7.45
C ARG B 62 4.31 -21.36 7.81
N GLU B 63 3.61 -20.24 7.65
CA GLU B 63 2.19 -20.20 7.99
C GLU B 63 1.35 -20.82 6.88
N GLN B 64 2.02 -21.36 5.88
CA GLN B 64 1.34 -22.14 4.87
C GLN B 64 1.01 -23.50 5.43
N PRO B 65 -0.22 -23.96 5.23
CA PRO B 65 -0.65 -25.29 5.67
C PRO B 65 0.32 -26.37 5.23
N LEU B 66 0.57 -27.32 6.13
CA LEU B 66 1.40 -28.47 5.79
C LEU B 66 0.57 -29.47 5.04
N ASN B 67 1.23 -30.06 4.05
CA ASN B 67 0.71 -31.19 3.33
C ASN B 67 0.98 -32.40 4.14
N ILE B 68 -0.01 -33.25 4.35
CA ILE B 68 0.22 -34.49 5.11
C ILE B 68 -0.01 -35.70 4.24
N GLU B 69 -0.06 -35.51 2.93
CA GLU B 69 -0.32 -36.58 2.00
C GLU B 69 1.00 -37.10 1.47
N ALA B 70 1.41 -38.25 1.97
CA ALA B 70 2.71 -38.79 1.64
C ALA B 70 2.75 -39.37 0.22
N ASP B 71 1.66 -40.04 -0.17
CA ASP B 71 1.58 -40.91 -1.33
C ASP B 71 0.22 -40.81 -2.02
N ALA B 72 0.11 -41.45 -3.17
CA ALA B 72 -1.17 -41.72 -3.78
C ALA B 72 -2.05 -42.63 -2.91
N GLU B 73 -1.41 -43.53 -2.17
CA GLU B 73 -2.06 -44.47 -1.27
C GLU B 73 -2.08 -43.95 0.15
N LEU B 74 -1.51 -42.75 0.31
CA LEU B 74 -1.56 -42.02 1.56
C LEU B 74 -0.75 -42.66 2.69
N GLY B 75 0.31 -43.36 2.33
CA GLY B 75 1.17 -43.98 3.32
C GLY B 75 0.68 -45.33 3.79
N MET B 76 -0.50 -45.76 3.33
CA MET B 76 -0.99 -47.11 3.65
C MET B 76 -1.07 -47.93 2.38
N PRO B 77 0.07 -48.50 1.97
CA PRO B 77 0.19 -49.13 0.67
C PRO B 77 -0.49 -50.49 0.66
N LEU B 78 -1.43 -50.65 -0.26
CA LEU B 78 -2.16 -51.89 -0.36
C LEU B 78 -1.47 -52.77 -1.39
N ASP B 79 -0.80 -53.83 -0.94
CA ASP B 79 -0.43 -54.90 -1.86
C ASP B 79 -0.75 -56.27 -1.26
N LEU B 80 -1.22 -57.16 -2.13
CA LEU B 80 -1.57 -58.52 -1.73
C LEU B 80 -0.37 -59.42 -1.74
N VAL B 81 0.71 -58.96 -2.37
CA VAL B 81 1.91 -59.75 -2.55
C VAL B 81 2.40 -60.23 -1.22
N GLY B 82 2.58 -61.54 -1.11
CA GLY B 82 3.04 -62.16 0.11
C GLY B 82 1.91 -62.65 1.00
N MET B 83 0.68 -62.27 0.67
CA MET B 83 -0.46 -62.50 1.53
C MET B 83 -0.95 -63.92 1.28
N PRO B 84 -0.92 -64.80 2.30
CA PRO B 84 -0.71 -66.23 2.02
C PRO B 84 -1.45 -66.93 0.88
N GLY B 85 -2.76 -66.84 0.76
CA GLY B 85 -3.44 -67.63 -0.27
C GLY B 85 -4.10 -66.88 -1.40
N VAL B 86 -4.00 -65.55 -1.39
CA VAL B 86 -4.93 -64.70 -2.18
C VAL B 86 -4.93 -64.90 -3.69
N PHE B 87 -3.81 -65.32 -4.23
CA PHE B 87 -3.68 -65.51 -5.66
C PHE B 87 -4.30 -66.82 -6.11
N ASP B 88 -4.35 -67.76 -5.17
CA ASP B 88 -5.24 -68.92 -5.22
C ASP B 88 -6.55 -68.39 -4.68
N GLY B 89 -7.43 -69.29 -4.27
CA GLY B 89 -8.78 -68.88 -3.85
C GLY B 89 -8.97 -67.90 -2.68
N ASP B 90 -8.17 -67.99 -1.62
CA ASP B 90 -8.66 -67.47 -0.34
C ASP B 90 -8.12 -66.09 0.04
N GLU B 91 -9.06 -65.18 0.35
CA GLU B 91 -8.74 -63.89 0.93
C GLU B 91 -8.73 -63.99 2.46
N SER B 92 -8.62 -65.17 3.04
CA SER B 92 -8.58 -65.28 4.50
C SER B 92 -7.69 -64.19 5.13
N SER B 93 -6.46 -64.05 4.62
CA SER B 93 -5.43 -63.23 5.25
C SER B 93 -5.85 -61.79 5.43
N ILE B 94 -6.59 -61.29 4.45
CA ILE B 94 -7.07 -59.91 4.43
C ILE B 94 -8.56 -59.75 4.75
N GLN B 95 -9.10 -60.71 5.51
CA GLN B 95 -10.52 -60.74 5.86
C GLN B 95 -10.71 -60.58 7.34
N ALA B 96 -11.70 -59.78 7.69
CA ALA B 96 -12.03 -59.54 9.09
C ALA B 96 -12.65 -60.76 9.74
N PRO B 97 -12.21 -61.08 10.96
CA PRO B 97 -12.79 -62.20 11.69
C PRO B 97 -14.31 -62.08 11.80
N ALA B 98 -15.00 -63.22 11.92
CA ALA B 98 -16.45 -63.25 12.11
C ALA B 98 -16.84 -62.56 13.41
N GLN B 99 -16.03 -62.79 14.45
CA GLN B 99 -16.24 -62.23 15.78
C GLN B 99 -15.32 -61.02 16.01
N PRO B 100 -15.89 -59.78 15.95
CA PRO B 100 -15.10 -58.55 16.27
C PRO B 100 -14.41 -58.64 17.65
N PRO B 101 -13.11 -58.37 17.72
CA PRO B 101 -12.39 -58.51 18.99
C PRO B 101 -12.73 -57.37 19.95
N PRO B 102 -12.54 -57.61 21.25
CA PRO B 102 -12.74 -56.52 22.16
C PRO B 102 -11.85 -55.32 21.80
N VAL B 103 -12.32 -54.11 22.03
CA VAL B 103 -11.58 -52.92 21.62
C VAL B 103 -10.46 -52.65 22.61
N HIS B 104 -9.28 -52.41 22.07
CA HIS B 104 -8.12 -52.00 22.86
C HIS B 104 -8.33 -50.57 23.37
N PRO B 105 -8.01 -50.33 24.65
CA PRO B 105 -8.12 -49.04 25.33
C PRO B 105 -7.54 -47.86 24.55
N HIS B 106 -6.43 -48.10 23.88
CA HIS B 106 -5.75 -47.10 23.05
C HIS B 106 -6.35 -46.89 21.68
N ASP B 107 -7.21 -47.80 21.23
CA ASP B 107 -8.00 -47.58 20.02
C ASP B 107 -9.34 -46.92 20.31
N ARG B 108 -9.78 -46.93 21.56
CA ARG B 108 -11.09 -46.35 21.91
C ARG B 108 -11.15 -44.90 21.47
N PRO B 109 -10.11 -44.11 21.77
CA PRO B 109 -10.14 -42.71 21.33
C PRO B 109 -10.15 -42.51 19.83
N LEU B 110 -9.63 -43.47 19.08
CA LEU B 110 -9.63 -43.39 17.62
C LEU B 110 -10.96 -43.78 17.06
N LEU B 111 -11.71 -44.62 17.76
CA LEU B 111 -13.02 -45.08 17.27
C LEU B 111 -14.20 -44.09 17.49
N ARG B 112 -13.97 -43.05 18.27
CA ARG B 112 -15.01 -42.09 18.58
C ARG B 112 -15.59 -41.49 17.30
N PRO B 113 -16.93 -41.53 17.16
CA PRO B 113 -17.57 -40.91 16.02
C PRO B 113 -17.24 -39.45 15.87
N LEU B 114 -17.26 -38.96 14.65
CA LEU B 114 -16.98 -37.57 14.39
C LEU B 114 -17.82 -36.61 15.25
N SER B 115 -19.09 -36.94 15.42
CA SER B 115 -20.01 -36.16 16.25
C SER B 115 -19.48 -36.01 17.68
N THR B 116 -18.99 -37.10 18.24
CA THR B 116 -18.38 -37.14 19.58
C THR B 116 -17.18 -36.23 19.75
N LEU B 117 -16.58 -35.80 18.65
CA LEU B 117 -15.29 -35.10 18.70
C LEU B 117 -15.36 -33.66 19.21
N GLY B 118 -16.50 -33.01 19.04
CA GLY B 118 -16.61 -31.60 19.42
C GLY B 118 -16.56 -30.72 18.18
N LYS B 119 -16.13 -29.47 18.37
CA LYS B 119 -16.12 -28.48 17.29
C LYS B 119 -14.68 -28.23 16.80
N PRO B 120 -14.47 -28.20 15.47
CA PRO B 120 -13.10 -28.00 14.96
C PRO B 120 -12.39 -26.73 15.51
N THR C 11 24.37 28.94 -11.51
CA THR C 11 25.73 29.42 -11.33
C THR C 11 26.25 28.84 -10.02
N LEU C 12 26.06 27.55 -9.86
CA LEU C 12 26.25 26.86 -8.61
C LEU C 12 27.71 26.42 -8.46
N ASP C 13 28.32 26.81 -7.35
CA ASP C 13 29.51 26.14 -6.81
C ASP C 13 29.19 24.62 -6.67
N PRO C 14 30.16 23.74 -6.94
CA PRO C 14 29.92 22.28 -6.79
C PRO C 14 29.46 21.84 -5.42
N ARG C 15 30.08 22.42 -4.39
CA ARG C 15 29.74 22.14 -3.00
C ARG C 15 28.30 22.55 -2.68
N LEU C 16 27.91 23.76 -3.10
CA LEU C 16 26.53 24.24 -2.96
C LEU C 16 25.54 23.32 -3.66
N ALA C 17 25.89 22.90 -4.88
CA ALA C 17 25.01 22.09 -5.72
C ALA C 17 24.67 20.77 -5.04
N GLN C 18 25.64 20.21 -4.33
CA GLN C 18 25.42 18.93 -3.64
C GLN C 18 24.72 19.18 -2.29
N ILE C 19 25.00 20.32 -1.65
CA ILE C 19 24.25 20.72 -0.46
C ILE C 19 22.75 20.86 -0.78
N TYR C 20 22.45 21.51 -1.89
CA TYR C 20 21.07 21.67 -2.35
C TYR C 20 20.46 20.34 -2.75
N SER C 21 21.29 19.41 -3.19
CA SER C 21 20.81 18.09 -3.62
C SER C 21 19.99 17.43 -2.53
N GLY C 22 20.48 17.54 -1.29
CA GLY C 22 19.81 16.94 -0.13
C GLY C 22 18.51 17.61 0.28
N GLU C 23 18.32 18.85 -0.18
CA GLU C 23 17.14 19.67 0.12
C GLU C 23 15.98 19.33 -0.79
N ARG C 24 14.77 19.32 -0.23
CA ARG C 24 13.52 19.17 -0.99
C ARG C 24 12.55 20.30 -0.62
N ARG C 25 12.14 21.09 -1.61
CA ARG C 25 11.33 22.27 -1.28
C ARG C 25 9.94 21.84 -0.83
N MET C 26 9.31 22.63 0.01
CA MET C 26 7.90 22.37 0.33
C MET C 26 7.04 23.59 0.10
N GLY C 27 7.58 24.55 -0.64
CA GLY C 27 6.84 25.72 -1.08
C GLY C 27 7.81 26.68 -1.75
N ASP C 28 7.27 27.47 -2.67
CA ASP C 28 8.09 28.39 -3.44
C ASP C 28 7.23 29.59 -3.82
N ARG C 29 7.75 30.41 -4.72
CA ARG C 29 6.98 31.51 -5.30
C ARG C 29 5.58 31.02 -5.67
N ASN C 30 5.51 29.96 -6.47
CA ASN C 30 4.29 29.57 -7.13
C ASN C 30 3.29 28.94 -6.17
N THR C 31 3.79 28.05 -5.31
CA THR C 31 2.97 27.35 -4.36
C THR C 31 2.37 28.29 -3.35
N ALA C 32 3.02 29.44 -3.14
CA ALA C 32 2.50 30.46 -2.24
C ALA C 32 1.18 31.01 -2.73
N LEU C 33 1.06 31.15 -4.05
CA LEU C 33 -0.14 31.71 -4.65
C LEU C 33 -1.37 30.80 -4.54
N ARG C 34 -1.16 29.56 -4.14
CA ARG C 34 -2.26 28.61 -3.94
C ARG C 34 -2.94 28.89 -2.62
N GLY C 35 -2.24 29.61 -1.75
CA GLY C 35 -2.84 30.12 -0.53
C GLY C 35 -2.72 29.15 0.61
N ILE C 36 -3.49 29.37 1.67
CA ILE C 36 -3.44 28.57 2.91
C ILE C 36 -4.08 27.18 2.78
N LYS C 37 -5.09 27.07 1.91
CA LYS C 37 -5.63 25.77 1.50
C LYS C 37 -5.99 25.75 0.01
N PRO C 38 -5.20 25.02 -0.81
CA PRO C 38 -5.45 24.90 -2.25
C PRO C 38 -6.90 24.61 -2.58
N THR C 39 -7.29 24.95 -3.81
CA THR C 39 -8.67 24.80 -4.29
C THR C 39 -8.58 24.76 -5.81
N ASP C 40 -9.54 24.16 -6.48
CA ASP C 40 -9.53 24.16 -7.95
C ASP C 40 -10.10 25.49 -8.48
N PHE C 41 -9.36 26.14 -9.39
CA PHE C 41 -9.81 27.36 -10.07
C PHE C 41 -9.58 27.15 -11.56
N SER C 42 -10.08 26.04 -12.09
CA SER C 42 -10.04 25.81 -13.54
C SER C 42 -11.36 26.21 -14.22
N HIS C 43 -12.45 26.21 -13.46
CA HIS C 43 -13.70 26.81 -13.91
C HIS C 43 -13.55 28.32 -14.18
N VAL C 44 -12.70 28.94 -13.39
CA VAL C 44 -12.33 30.32 -13.64
C VAL C 44 -11.56 30.38 -14.97
N ARG C 45 -10.83 29.33 -15.30
CA ARG C 45 -10.15 29.25 -16.59
C ARG C 45 -11.19 29.32 -17.68
N LYS C 46 -12.24 28.52 -17.50
CA LYS C 46 -13.40 28.53 -18.39
C LYS C 46 -13.93 29.94 -18.66
N LEU C 47 -13.99 30.79 -17.63
CA LEU C 47 -14.54 32.16 -17.76
C LEU C 47 -13.53 33.24 -18.07
N ALA C 48 -12.25 32.88 -18.02
CA ALA C 48 -11.22 33.72 -18.60
C ALA C 48 -11.27 33.55 -20.12
N ALA C 49 -11.69 32.36 -20.55
CA ALA C 49 -11.71 32.01 -21.98
C ALA C 49 -12.59 32.94 -22.82
N PRO C 50 -13.87 33.13 -22.41
CA PRO C 50 -14.71 34.03 -23.20
C PRO C 50 -14.25 35.46 -23.05
N PHE C 51 -13.48 35.73 -22.01
CA PHE C 51 -12.85 37.03 -21.89
C PHE C 51 -12.06 37.37 -23.16
N VAL C 52 -11.23 36.43 -23.63
CA VAL C 52 -10.53 36.59 -24.91
C VAL C 52 -10.86 35.48 -25.91
#